data_8RTW
#
_entry.id   8RTW
#
_cell.length_a   158.376
_cell.length_b   53.159
_cell.length_c   111.947
_cell.angle_alpha   90.000
_cell.angle_beta   96.400
_cell.angle_gamma   90.000
#
_symmetry.space_group_name_H-M   'C 1 2 1'
#
loop_
_entity.id
_entity.type
_entity.pdbx_description
1 polymer 'Anti-testosterone Fab 220 light chain'
2 polymer 'Anti-testosterone Fab 220 heavy chain'
3 non-polymer TESTOSTERONE
4 water water
#
loop_
_entity_poly.entity_id
_entity_poly.type
_entity_poly.pdbx_seq_one_letter_code
_entity_poly.pdbx_strand_id
1 'polypeptide(L)'
;ELDIVMTQSPKFMSSSVGDRVSVTCKASQNVGINVAWYQQKPGQSPKALIHSASYRYSGVPDRFTGSGSGTDFTLTISNV
QSEDLADYFCQQYNIYPWTFGGATKLEIKRADAAPTVSIFPPSSEQLTSGGASVVCFLNNFYPKDINVKWKIDGSERQNG
VLNSWTDQDSKDSTYSMSSTLTLTKDEYERHNSYTCEATHKTSTSPIVKSFNRNEC
;
A,C
2 'polypeptide(L)'
;EVQLQQPGPELVKPGASVKVSCKASGYSFTDHNMYWVKQSHGKSLEWIGSIDPYNGGTRYNQKFRGKATLTVDKSSGTAF
MHLNSLTSEDSAVYYCYIGSFYFVYWGQGTLVTVSSAKTTPPSVYPLAPGSAAQTNSMVTLGCLVKGYFPEPVTVTWNSG
SLSSGVHTFPAVLQSDLYTLSSSVTVPSSTWPSETVTCNVAHPASSTKVDKKIVPRDCGAAAAHHHHHH
;
B,D
#
# COMPACT_ATOMS: atom_id res chain seq x y z
N ASP A 3 0.40 -23.43 -12.17
CA ASP A 3 -0.59 -23.26 -11.10
C ASP A 3 -1.86 -22.67 -11.69
N ILE A 4 -3.02 -23.19 -11.30
CA ILE A 4 -4.30 -22.63 -11.72
C ILE A 4 -4.45 -21.24 -11.11
N VAL A 5 -4.84 -20.27 -11.93
CA VAL A 5 -5.16 -18.92 -11.46
C VAL A 5 -6.68 -18.77 -11.43
N MET A 6 -7.17 -18.39 -10.24
CA MET A 6 -8.61 -18.15 -10.02
C MET A 6 -8.83 -16.63 -10.04
N THR A 7 -9.57 -16.14 -11.03
CA THR A 7 -9.78 -14.71 -11.22
C THR A 7 -11.23 -14.39 -10.85
N GLN A 8 -11.42 -13.60 -9.80
CA GLN A 8 -12.74 -13.36 -9.23
C GLN A 8 -13.23 -11.99 -9.67
N SER A 9 -14.53 -11.85 -9.92
CA SER A 9 -15.08 -10.53 -10.21
C SER A 9 -16.53 -10.47 -9.73
N PRO A 10 -17.02 -9.28 -9.34
CA PRO A 10 -16.33 -7.98 -9.26
C PRO A 10 -15.45 -7.94 -8.03
N LYS A 11 -14.54 -6.98 -7.84
CA LYS A 11 -13.83 -6.94 -6.56
C LYS A 11 -14.72 -6.40 -5.45
N PHE A 12 -15.61 -5.45 -5.77
CA PHE A 12 -16.50 -4.87 -4.77
C PHE A 12 -17.92 -4.91 -5.28
N MET A 13 -18.85 -5.24 -4.41
CA MET A 13 -20.25 -5.23 -4.81
C MET A 13 -21.10 -4.68 -3.69
N SER A 14 -22.17 -4.01 -4.08
CA SER A 14 -23.01 -3.27 -3.16
C SER A 14 -24.46 -3.63 -3.45
N SER A 15 -25.19 -4.02 -2.40
CA SER A 15 -26.51 -4.59 -2.57
C SER A 15 -27.43 -4.18 -1.42
N SER A 16 -28.68 -3.87 -1.74
CA SER A 16 -29.70 -3.69 -0.72
C SER A 16 -30.10 -5.03 -0.13
N VAL A 17 -30.58 -4.99 1.11
CA VAL A 17 -31.16 -6.18 1.72
C VAL A 17 -32.28 -6.69 0.84
N GLY A 18 -32.31 -8.00 0.59
CA GLY A 18 -33.29 -8.61 -0.27
C GLY A 18 -32.89 -8.72 -1.74
N ASP A 19 -31.83 -8.04 -2.15
CA ASP A 19 -31.40 -8.15 -3.53
C ASP A 19 -30.66 -9.46 -3.74
N ARG A 20 -30.33 -9.74 -4.98
CA ARG A 20 -29.63 -10.95 -5.39
C ARG A 20 -28.24 -10.55 -5.88
N VAL A 21 -27.20 -11.07 -5.25
CA VAL A 21 -25.85 -10.78 -5.70
C VAL A 21 -25.25 -12.07 -6.22
N SER A 22 -24.32 -11.92 -7.15
CA SER A 22 -23.59 -13.08 -7.66
C SER A 22 -22.12 -12.69 -7.83
N VAL A 23 -21.25 -13.61 -7.46
CA VAL A 23 -19.81 -13.46 -7.60
C VAL A 23 -19.34 -14.54 -8.56
N THR A 24 -18.49 -14.17 -9.51
CA THR A 24 -18.01 -15.14 -10.47
C THR A 24 -16.53 -15.42 -10.21
N CYS A 25 -16.12 -16.63 -10.59
CA CYS A 25 -14.77 -17.10 -10.37
C CYS A 25 -14.36 -17.85 -11.63
N LYS A 26 -13.33 -17.35 -12.31
CA LYS A 26 -12.89 -17.92 -13.58
C LYS A 26 -11.55 -18.62 -13.37
N ALA A 27 -11.48 -19.91 -13.69
CA ALA A 27 -10.25 -20.66 -13.57
C ALA A 27 -9.46 -20.63 -14.88
N SER A 28 -8.14 -20.46 -14.76
CA SER A 28 -7.29 -20.36 -15.96
C SER A 28 -7.19 -21.69 -16.70
N GLN A 29 -7.52 -22.81 -16.05
CA GLN A 29 -7.54 -24.13 -16.66
C GLN A 29 -8.73 -24.90 -16.08
N ASN A 30 -9.10 -26.00 -16.75
CA ASN A 30 -10.25 -26.80 -16.32
C ASN A 30 -10.03 -27.35 -14.92
N VAL A 31 -11.04 -27.23 -14.05
CA VAL A 31 -10.88 -27.78 -12.70
C VAL A 31 -12.11 -28.64 -12.34
N GLY A 32 -12.83 -29.10 -13.37
CA GLY A 32 -14.01 -29.94 -13.18
C GLY A 32 -15.04 -29.24 -12.29
N ILE A 33 -15.42 -29.88 -11.18
CA ILE A 33 -16.31 -29.26 -10.20
C ILE A 33 -15.61 -29.06 -8.85
N ASN A 34 -14.28 -29.23 -8.77
CA ASN A 34 -13.58 -29.16 -7.48
C ASN A 34 -13.23 -27.71 -7.12
N VAL A 35 -14.29 -26.97 -6.84
CA VAL A 35 -14.23 -25.56 -6.49
C VAL A 35 -15.11 -25.35 -5.25
N ALA A 36 -14.61 -24.56 -4.31
CA ALA A 36 -15.33 -24.24 -3.09
C ALA A 36 -15.51 -22.73 -2.98
N TRP A 37 -16.50 -22.32 -2.20
CA TRP A 37 -16.71 -20.91 -1.89
C TRP A 37 -16.63 -20.67 -0.39
N TYR A 38 -16.04 -19.53 -0.04
CA TYR A 38 -15.77 -19.17 1.35
C TYR A 38 -16.33 -17.78 1.65
N GLN A 39 -16.74 -17.58 2.89
CA GLN A 39 -17.07 -16.26 3.42
C GLN A 39 -16.10 -15.94 4.57
N GLN A 40 -15.59 -14.72 4.62
CA GLN A 40 -14.72 -14.32 5.71
C GLN A 40 -15.16 -12.94 6.18
N LYS A 41 -15.71 -12.88 7.37
CA LYS A 41 -16.03 -11.61 8.02
C LYS A 41 -14.79 -11.02 8.66
N PRO A 42 -14.77 -9.71 8.90
CA PRO A 42 -13.55 -9.08 9.41
C PRO A 42 -13.10 -9.69 10.73
N GLY A 43 -11.79 -9.87 10.86
CA GLY A 43 -11.25 -10.41 12.09
C GLY A 43 -11.71 -11.81 12.43
N GLN A 44 -12.16 -12.58 11.45
CA GLN A 44 -12.63 -13.93 11.68
C GLN A 44 -11.93 -14.87 10.71
N SER A 45 -11.90 -16.14 11.06
CA SER A 45 -11.38 -17.15 10.15
C SER A 45 -12.35 -17.44 9.00
N PRO A 46 -11.85 -17.95 7.86
CA PRO A 46 -12.74 -18.23 6.70
C PRO A 46 -13.78 -19.29 7.06
N LYS A 47 -14.95 -19.16 6.47
CA LYS A 47 -16.03 -20.13 6.70
C LYS A 47 -16.43 -20.73 5.36
N ALA A 48 -16.29 -22.06 5.24
CA ALA A 48 -16.69 -22.72 4.00
C ALA A 48 -18.19 -22.63 3.82
N LEU A 49 -18.61 -22.30 2.61
CA LEU A 49 -20.02 -22.28 2.27
C LEU A 49 -20.44 -23.43 1.38
N ILE A 50 -19.62 -23.76 0.37
CA ILE A 50 -19.97 -24.61 -0.78
C ILE A 50 -18.74 -25.43 -1.13
N HIS A 51 -18.93 -26.72 -1.42
CA HIS A 51 -17.90 -27.57 -2.00
C HIS A 51 -18.43 -28.19 -3.29
N SER A 52 -17.53 -28.75 -4.10
CA SER A 52 -17.93 -29.39 -5.37
C SER A 52 -18.79 -28.46 -6.22
N ALA A 53 -18.48 -27.16 -6.17
CA ALA A 53 -19.09 -26.08 -6.92
C ALA A 53 -20.55 -25.76 -6.58
N SER A 54 -21.32 -26.73 -6.05
CA SER A 54 -22.75 -26.49 -5.83
C SER A 54 -23.31 -27.14 -4.58
N TYR A 55 -22.51 -27.83 -3.77
CA TYR A 55 -22.99 -28.51 -2.58
C TYR A 55 -22.80 -27.58 -1.39
N ARG A 56 -23.91 -27.11 -0.83
CA ARG A 56 -23.86 -26.29 0.36
C ARG A 56 -23.46 -27.14 1.56
N TYR A 57 -22.60 -26.60 2.44
CA TYR A 57 -22.22 -27.30 3.67
C TYR A 57 -23.35 -27.23 4.69
N SER A 58 -23.34 -28.19 5.62
CA SER A 58 -24.31 -28.22 6.70
C SER A 58 -24.24 -26.94 7.51
N GLY A 59 -25.41 -26.36 7.80
CA GLY A 59 -25.52 -25.15 8.61
C GLY A 59 -25.50 -23.85 7.83
N VAL A 60 -25.18 -23.87 6.55
CA VAL A 60 -25.15 -22.68 5.72
C VAL A 60 -26.56 -22.36 5.23
N PRO A 61 -27.02 -21.11 5.28
CA PRO A 61 -28.39 -20.81 4.83
C PRO A 61 -28.61 -21.14 3.36
N ASP A 62 -29.83 -21.56 3.04
CA ASP A 62 -30.15 -21.98 1.67
C ASP A 62 -30.14 -20.82 0.69
N ARG A 63 -30.05 -19.59 1.18
CA ARG A 63 -29.90 -18.43 0.31
C ARG A 63 -28.57 -18.44 -0.44
N PHE A 64 -27.59 -19.21 0.02
CA PHE A 64 -26.32 -19.35 -0.69
C PHE A 64 -26.38 -20.52 -1.66
N THR A 65 -26.03 -20.27 -2.93
CA THR A 65 -26.01 -21.35 -3.93
C THR A 65 -24.76 -21.23 -4.79
N GLY A 66 -24.33 -22.35 -5.35
CA GLY A 66 -23.18 -22.36 -6.22
C GLY A 66 -23.53 -23.04 -7.53
N SER A 67 -22.89 -22.58 -8.61
CA SER A 67 -23.08 -23.26 -9.89
C SER A 67 -21.78 -23.22 -10.70
N GLY A 68 -21.76 -23.99 -11.78
CA GLY A 68 -20.69 -23.92 -12.76
C GLY A 68 -19.82 -25.17 -12.74
N SER A 69 -19.01 -25.27 -13.79
CA SER A 69 -18.23 -26.47 -14.04
C SER A 69 -17.12 -26.14 -15.04
N GLY A 70 -15.98 -26.77 -14.88
CA GLY A 70 -14.93 -26.51 -15.85
C GLY A 70 -14.09 -25.30 -15.48
N THR A 71 -14.44 -24.13 -16.01
CA THR A 71 -13.68 -22.93 -15.69
C THR A 71 -14.50 -21.79 -15.12
N ASP A 72 -15.83 -21.80 -15.24
CA ASP A 72 -16.65 -20.66 -14.86
C ASP A 72 -17.52 -21.06 -13.68
N PHE A 73 -17.36 -20.37 -12.56
CA PHE A 73 -18.05 -20.74 -11.33
C PHE A 73 -18.76 -19.51 -10.78
N THR A 74 -19.90 -19.72 -10.11
CA THR A 74 -20.68 -18.58 -9.62
C THR A 74 -21.29 -18.89 -8.26
N LEU A 75 -21.08 -17.97 -7.32
CA LEU A 75 -21.75 -17.97 -6.02
C LEU A 75 -22.88 -16.96 -6.08
N THR A 76 -24.08 -17.38 -5.68
CA THR A 76 -25.26 -16.54 -5.70
C THR A 76 -25.77 -16.41 -4.27
N ILE A 77 -26.10 -15.18 -3.89
CA ILE A 77 -26.75 -14.92 -2.60
C ILE A 77 -28.10 -14.34 -2.91
N SER A 78 -29.14 -15.15 -2.72
CA SER A 78 -30.51 -14.70 -2.81
C SER A 78 -30.90 -13.99 -1.52
N ASN A 79 -31.85 -13.05 -1.63
CA ASN A 79 -32.40 -12.34 -0.47
C ASN A 79 -31.30 -11.90 0.51
N VAL A 80 -30.37 -11.10 -0.02
CA VAL A 80 -29.20 -10.71 0.75
C VAL A 80 -29.61 -10.07 2.08
N GLN A 81 -28.87 -10.42 3.14
CA GLN A 81 -29.11 -9.91 4.48
C GLN A 81 -27.92 -9.13 5.01
N SER A 82 -28.18 -8.25 5.97
CA SER A 82 -27.12 -7.36 6.45
C SER A 82 -25.97 -8.15 7.03
N GLU A 83 -26.26 -9.34 7.57
CA GLU A 83 -25.22 -10.19 8.14
C GLU A 83 -24.32 -10.81 7.07
N ASP A 84 -24.72 -10.77 5.79
CA ASP A 84 -23.94 -11.35 4.71
C ASP A 84 -22.73 -10.49 4.32
N LEU A 85 -22.64 -9.27 4.83
CA LEU A 85 -21.47 -8.43 4.66
C LEU A 85 -20.21 -9.19 5.05
N ALA A 86 -19.29 -9.32 4.11
CA ALA A 86 -18.07 -10.10 4.28
C ALA A 86 -17.27 -9.98 3.00
N ASP A 87 -16.06 -10.54 3.03
CA ASP A 87 -15.37 -10.97 1.82
C ASP A 87 -15.90 -12.34 1.39
N TYR A 88 -15.86 -12.58 0.09
CA TYR A 88 -16.14 -13.91 -0.45
C TYR A 88 -15.00 -14.30 -1.37
N PHE A 89 -14.64 -15.57 -1.38
CA PHE A 89 -13.66 -15.99 -2.35
C PHE A 89 -13.84 -17.47 -2.68
N CYS A 90 -13.38 -17.84 -3.86
CA CYS A 90 -13.45 -19.23 -4.29
C CYS A 90 -12.09 -19.89 -4.09
N GLN A 91 -12.07 -21.21 -4.18
CA GLN A 91 -10.83 -21.97 -4.16
C GLN A 91 -10.98 -23.16 -5.10
N GLN A 92 -9.97 -23.43 -5.89
CA GLN A 92 -9.93 -24.70 -6.61
C GLN A 92 -9.01 -25.68 -5.88
N TYR A 93 -9.46 -26.93 -5.80
CA TYR A 93 -8.70 -28.00 -5.15
C TYR A 93 -8.70 -29.22 -6.07
N ASN A 94 -8.80 -28.98 -7.38
CA ASN A 94 -8.70 -30.06 -8.34
C ASN A 94 -7.29 -30.61 -8.47
N ILE A 95 -6.29 -29.74 -8.31
CA ILE A 95 -4.89 -30.02 -8.64
C ILE A 95 -4.01 -29.26 -7.66
N TYR A 96 -2.87 -29.86 -7.22
CA TYR A 96 -1.96 -29.10 -6.36
C TYR A 96 -1.09 -28.13 -7.16
N PRO A 97 -0.67 -27.02 -6.56
CA PRO A 97 -1.12 -26.44 -5.28
C PRO A 97 -2.56 -25.99 -5.33
N TRP A 98 -3.31 -26.11 -4.25
CA TRP A 98 -4.62 -25.48 -4.19
C TRP A 98 -4.45 -23.97 -4.24
N THR A 99 -5.38 -23.27 -4.91
CA THR A 99 -5.29 -21.83 -5.09
C THR A 99 -6.63 -21.16 -4.89
N PHE A 100 -6.58 -19.86 -4.58
CA PHE A 100 -7.70 -19.06 -4.12
C PHE A 100 -7.90 -17.87 -5.05
N GLY A 101 -9.17 -17.49 -5.26
CA GLY A 101 -9.43 -16.21 -5.90
C GLY A 101 -9.20 -15.05 -4.94
N GLY A 102 -8.99 -13.85 -5.48
CA GLY A 102 -8.95 -12.68 -4.62
C GLY A 102 -10.33 -12.35 -4.09
N ALA A 103 -10.39 -11.71 -2.93
CA ALA A 103 -11.66 -11.53 -2.22
C ALA A 103 -12.57 -10.55 -2.93
N THR A 104 -13.88 -10.84 -2.89
CA THR A 104 -14.91 -9.88 -3.27
C THR A 104 -15.52 -9.34 -1.98
N LYS A 105 -15.51 -8.01 -1.82
CA LYS A 105 -16.08 -7.38 -0.63
C LYS A 105 -17.54 -7.04 -0.90
N LEU A 106 -18.45 -7.53 -0.09
CA LEU A 106 -19.86 -7.22 -0.24
C LEU A 106 -20.25 -6.14 0.77
N GLU A 107 -20.70 -4.97 0.28
CA GLU A 107 -21.33 -3.98 1.16
C GLU A 107 -22.85 -4.02 1.01
N ILE A 108 -23.54 -3.92 2.16
CA ILE A 108 -25.01 -3.88 2.19
C ILE A 108 -25.45 -2.42 2.19
N LYS A 109 -26.44 -2.10 1.35
CA LYS A 109 -26.93 -0.73 1.24
C LYS A 109 -27.88 -0.39 2.37
N ARG A 110 -27.95 0.89 2.71
CA ARG A 110 -28.85 1.36 3.75
C ARG A 110 -29.12 2.84 3.51
N ALA A 111 -30.11 3.37 4.24
CA ALA A 111 -30.41 4.80 4.16
C ALA A 111 -29.25 5.62 4.71
N ASP A 112 -29.05 6.79 4.11
CA ASP A 112 -27.98 7.68 4.53
C ASP A 112 -28.17 8.07 5.99
N ALA A 113 -27.06 8.21 6.70
CA ALA A 113 -27.08 8.70 8.07
C ALA A 113 -25.95 9.68 8.27
N ALA A 114 -26.24 10.78 8.96
CA ALA A 114 -25.22 11.75 9.33
C ALA A 114 -24.33 11.18 10.44
N PRO A 115 -23.05 11.53 10.47
CA PRO A 115 -22.17 11.05 11.54
C PRO A 115 -22.60 11.62 12.89
N THR A 116 -22.41 10.81 13.93
CA THR A 116 -22.44 11.31 15.31
C THR A 116 -21.01 11.66 15.72
N VAL A 117 -20.77 12.92 16.05
CA VAL A 117 -19.41 13.42 16.27
C VAL A 117 -19.18 13.68 17.74
N SER A 118 -18.07 13.19 18.27
CA SER A 118 -17.70 13.56 19.64
C SER A 118 -16.23 13.89 19.66
N ILE A 119 -15.86 14.90 20.46
CA ILE A 119 -14.48 15.32 20.65
C ILE A 119 -14.06 15.04 22.09
N PHE A 120 -12.80 14.66 22.28
CA PHE A 120 -12.28 14.34 23.61
C PHE A 120 -10.94 15.00 23.83
N PRO A 121 -10.78 15.79 24.91
CA PRO A 121 -9.47 16.38 25.23
C PRO A 121 -8.49 15.32 25.67
N PRO A 122 -7.20 15.62 25.72
CA PRO A 122 -6.23 14.65 26.23
C PRO A 122 -6.56 14.32 27.68
N SER A 123 -6.29 13.08 28.06
CA SER A 123 -6.46 12.67 29.45
C SER A 123 -5.38 13.28 30.33
N SER A 124 -5.69 13.45 31.61
CA SER A 124 -4.66 13.94 32.53
C SER A 124 -3.48 12.98 32.61
N GLU A 125 -3.70 11.66 32.53
CA GLU A 125 -2.55 10.77 32.60
C GLU A 125 -1.66 10.87 31.37
N GLN A 126 -2.22 11.18 30.19
CA GLN A 126 -1.32 11.44 29.07
C GLN A 126 -0.59 12.76 29.26
N LEU A 127 -1.23 13.75 29.86
CA LEU A 127 -0.57 15.03 30.07
C LEU A 127 0.60 14.89 31.03
N THR A 128 0.48 14.01 32.03
CA THR A 128 1.59 13.87 32.96
C THR A 128 2.82 13.28 32.28
N SER A 129 2.66 12.54 31.19
CA SER A 129 3.81 11.98 30.48
C SER A 129 4.29 12.87 29.32
N GLY A 130 3.88 14.13 29.26
CA GLY A 130 4.44 15.06 28.29
C GLY A 130 3.87 15.02 26.89
N GLY A 131 2.80 14.24 26.67
CA GLY A 131 2.15 14.18 25.38
C GLY A 131 0.69 14.59 25.46
N ALA A 132 0.07 14.88 24.31
CA ALA A 132 -1.29 15.39 24.29
C ALA A 132 -1.94 14.96 22.98
N SER A 133 -2.90 14.04 23.04
CA SER A 133 -3.61 13.58 21.86
C SER A 133 -5.07 14.01 21.97
N VAL A 134 -5.59 14.62 20.91
CA VAL A 134 -6.99 15.01 20.86
C VAL A 134 -7.72 14.09 19.90
N VAL A 135 -8.79 13.47 20.38
CA VAL A 135 -9.49 12.45 19.62
C VAL A 135 -10.86 12.96 19.21
N CYS A 136 -11.26 12.62 17.99
CA CYS A 136 -12.59 12.91 17.48
C CYS A 136 -13.16 11.64 16.85
N PHE A 137 -14.35 11.23 17.29
CA PHE A 137 -15.06 10.12 16.67
C PHE A 137 -16.17 10.64 15.77
N LEU A 138 -16.29 10.02 14.61
CA LEU A 138 -17.35 10.28 13.63
C LEU A 138 -18.02 8.92 13.43
N ASN A 139 -19.12 8.69 14.17
CA ASN A 139 -19.67 7.35 14.34
C ASN A 139 -20.98 7.13 13.57
N ASN A 140 -21.14 5.93 13.03
CA ASN A 140 -22.42 5.43 12.54
C ASN A 140 -23.01 6.34 11.45
N PHE A 141 -22.23 6.52 10.38
CA PHE A 141 -22.65 7.27 9.20
C PHE A 141 -22.70 6.40 7.95
N TYR A 142 -23.52 6.83 6.98
CA TYR A 142 -23.63 6.16 5.67
C TYR A 142 -23.97 7.20 4.60
N PRO A 143 -23.34 7.13 3.41
CA PRO A 143 -22.29 6.19 2.97
C PRO A 143 -20.88 6.48 3.50
N LYS A 144 -19.93 5.63 3.09
CA LYS A 144 -18.65 5.52 3.77
C LYS A 144 -17.76 6.76 3.62
N ASP A 145 -17.94 7.57 2.57
CA ASP A 145 -17.09 8.74 2.36
C ASP A 145 -17.36 9.80 3.42
N ILE A 146 -16.29 10.46 3.89
CA ILE A 146 -16.41 11.46 4.93
C ILE A 146 -15.11 12.24 5.01
N ASN A 147 -15.16 13.50 5.40
CA ASN A 147 -13.96 14.28 5.65
C ASN A 147 -14.00 14.89 7.04
N VAL A 148 -12.83 15.00 7.63
CA VAL A 148 -12.68 15.60 8.95
C VAL A 148 -11.61 16.68 8.85
N LYS A 149 -11.83 17.78 9.57
CA LYS A 149 -10.90 18.90 9.63
C LYS A 149 -10.67 19.29 11.08
N TRP A 150 -9.42 19.55 11.43
CA TRP A 150 -9.08 20.06 12.75
C TRP A 150 -8.79 21.56 12.67
N LYS A 151 -9.22 22.28 13.70
CA LYS A 151 -8.88 23.69 13.90
C LYS A 151 -8.37 23.88 15.32
N ILE A 152 -7.32 24.69 15.45
CA ILE A 152 -6.74 25.07 16.73
C ILE A 152 -6.91 26.58 16.86
N ASP A 153 -7.72 27.01 17.81
CA ASP A 153 -8.03 28.43 17.97
C ASP A 153 -8.51 29.02 16.65
N GLY A 154 -9.31 28.24 15.92
CA GLY A 154 -9.89 28.70 14.66
C GLY A 154 -9.01 28.54 13.43
N SER A 155 -7.76 28.12 13.59
CA SER A 155 -6.86 27.94 12.46
C SER A 155 -6.75 26.46 12.07
N GLU A 156 -6.82 26.19 10.76
CA GLU A 156 -6.76 24.82 10.27
C GLU A 156 -5.42 24.18 10.60
N ARG A 157 -5.45 22.91 11.01
CA ARG A 157 -4.24 22.21 11.44
C ARG A 157 -4.16 20.89 10.69
N GLN A 158 -3.06 20.69 9.96
CA GLN A 158 -2.94 19.60 9.00
C GLN A 158 -1.88 18.56 9.34
N ASN A 159 -0.78 18.95 9.98
CA ASN A 159 0.23 17.99 10.42
C ASN A 159 -0.22 17.28 11.70
N GLY A 160 0.28 16.07 11.92
CA GLY A 160 0.06 15.40 13.18
C GLY A 160 -1.28 14.73 13.36
N VAL A 161 -2.05 14.58 12.30
CA VAL A 161 -3.36 13.94 12.37
C VAL A 161 -3.23 12.53 11.80
N LEU A 162 -3.84 11.56 12.48
CA LEU A 162 -3.92 10.19 11.97
C LEU A 162 -5.36 9.70 12.08
N ASN A 163 -5.84 9.13 10.98
CA ASN A 163 -7.22 8.73 10.80
C ASN A 163 -7.34 7.23 10.58
N SER A 164 -8.48 6.67 10.98
CA SER A 164 -8.70 5.24 10.88
C SER A 164 -10.18 4.99 10.62
N TRP A 165 -10.52 3.96 9.84
CA TRP A 165 -11.90 3.69 9.43
C TRP A 165 -12.28 2.24 9.74
N THR A 166 -13.46 2.06 10.32
CA THR A 166 -13.96 0.70 10.58
C THR A 166 -14.45 0.06 9.29
N ASP A 167 -14.49 -1.27 9.31
CA ASP A 167 -15.29 -2.01 8.35
C ASP A 167 -16.77 -1.76 8.58
N GLN A 168 -17.59 -2.07 7.59
CA GLN A 168 -19.01 -1.75 7.70
C GLN A 168 -19.61 -2.49 8.89
N ASP A 169 -20.45 -1.82 9.65
CA ASP A 169 -21.02 -2.41 10.85
C ASP A 169 -21.94 -3.57 10.51
N SER A 170 -21.80 -4.69 11.23
CA SER A 170 -22.68 -5.84 10.97
C SER A 170 -24.14 -5.57 11.33
N LYS A 171 -24.40 -4.76 12.36
CA LYS A 171 -25.79 -4.54 12.79
C LYS A 171 -26.52 -3.53 11.89
N ASP A 172 -26.05 -2.29 11.87
CA ASP A 172 -26.80 -1.23 11.21
C ASP A 172 -26.20 -0.82 9.86
N SER A 173 -25.20 -1.55 9.38
CA SER A 173 -24.63 -1.36 8.04
C SER A 173 -24.00 0.02 7.85
N THR A 174 -23.60 0.69 8.94
CA THR A 174 -22.95 1.99 8.84
C THR A 174 -21.42 1.85 8.95
N TYR A 175 -20.75 2.99 8.86
CA TYR A 175 -19.30 3.12 8.95
C TYR A 175 -18.98 4.11 10.07
N SER A 176 -17.77 3.97 10.64
CA SER A 176 -17.28 4.94 11.60
C SER A 176 -15.83 5.28 11.27
N MET A 177 -15.37 6.40 11.83
CA MET A 177 -14.00 6.82 11.64
C MET A 177 -13.54 7.53 12.91
N SER A 178 -12.27 7.32 13.26
CA SER A 178 -11.60 7.96 14.37
C SER A 178 -10.50 8.87 13.83
N SER A 179 -10.36 10.06 14.42
CA SER A 179 -9.32 11.00 14.05
C SER A 179 -8.60 11.45 15.32
N THR A 180 -7.27 11.39 15.29
CA THR A 180 -6.46 11.72 16.47
C THR A 180 -5.43 12.77 16.08
N LEU A 181 -5.50 13.91 16.75
CA LEU A 181 -4.52 14.97 16.61
C LEU A 181 -3.56 14.87 17.78
N THR A 182 -2.28 14.70 17.49
CA THR A 182 -1.28 14.48 18.52
C THR A 182 -0.30 15.65 18.50
N LEU A 183 -0.10 16.25 19.66
CA LEU A 183 0.78 17.38 19.85
C LEU A 183 1.60 17.12 21.09
N THR A 184 2.68 17.89 21.25
CA THR A 184 3.34 17.90 22.54
C THR A 184 2.46 18.58 23.56
N LYS A 185 2.69 18.23 24.84
CA LYS A 185 1.98 18.92 25.90
C LYS A 185 2.20 20.42 25.80
N ASP A 186 3.38 20.84 25.34
CA ASP A 186 3.65 22.28 25.26
C ASP A 186 2.77 22.95 24.21
N GLU A 187 2.69 22.41 22.98
CA GLU A 187 1.84 23.06 22.00
C GLU A 187 0.39 23.06 22.45
N TYR A 188 -0.06 21.97 23.08
CA TYR A 188 -1.44 21.90 23.51
C TYR A 188 -1.74 22.97 24.55
N GLU A 189 -0.78 23.27 25.41
CA GLU A 189 -0.99 24.26 26.45
C GLU A 189 -0.73 25.68 25.98
N ARG A 190 -0.27 25.88 24.76
CA ARG A 190 -0.14 27.22 24.20
C ARG A 190 -1.38 27.68 23.44
N HIS A 191 -2.40 26.84 23.32
CA HIS A 191 -3.62 27.21 22.61
C HIS A 191 -4.82 26.85 23.47
N ASN A 192 -5.96 27.43 23.12
CA ASN A 192 -7.16 27.24 23.91
C ASN A 192 -8.24 26.44 23.22
N SER A 193 -8.57 26.74 21.96
CA SER A 193 -9.76 26.20 21.31
C SER A 193 -9.41 25.05 20.37
N TYR A 194 -10.17 23.96 20.48
CA TYR A 194 -9.90 22.71 19.77
C TYR A 194 -11.18 22.23 19.12
N THR A 195 -11.15 22.05 17.80
CA THR A 195 -12.35 21.89 17.00
C THR A 195 -12.20 20.74 16.02
N CYS A 196 -13.21 19.89 15.98
CA CYS A 196 -13.31 18.80 15.03
C CYS A 196 -14.51 19.08 14.12
N GLU A 197 -14.30 19.03 12.81
CA GLU A 197 -15.38 19.30 11.85
C GLU A 197 -15.54 18.12 10.89
N ALA A 198 -16.77 17.63 10.77
CA ALA A 198 -17.10 16.48 9.94
C ALA A 198 -17.95 16.92 8.77
N THR A 199 -17.54 16.55 7.55
CA THR A 199 -18.26 16.92 6.34
C THR A 199 -18.69 15.65 5.61
N HIS A 200 -20.00 15.47 5.47
CA HIS A 200 -20.59 14.24 4.97
C HIS A 200 -21.71 14.60 4.02
N LYS A 201 -22.03 13.70 3.09
CA LYS A 201 -23.00 14.06 2.07
C LYS A 201 -24.39 14.31 2.66
N THR A 202 -24.65 13.84 3.88
CA THR A 202 -25.95 14.08 4.50
C THR A 202 -26.22 15.56 4.72
N SER A 203 -25.18 16.41 4.72
CA SER A 203 -25.41 17.83 4.94
C SER A 203 -24.35 18.66 4.23
N THR A 204 -24.76 19.85 3.75
CA THR A 204 -23.84 20.83 3.21
C THR A 204 -23.13 21.62 4.30
N SER A 205 -23.58 21.52 5.53
CA SER A 205 -23.01 22.14 6.72
C SER A 205 -22.18 21.13 7.48
N PRO A 206 -20.91 21.43 7.77
CA PRO A 206 -20.13 20.51 8.60
C PRO A 206 -20.76 20.42 9.98
N ILE A 207 -20.69 19.23 10.57
CA ILE A 207 -21.02 19.06 11.99
C ILE A 207 -19.76 19.46 12.76
N VAL A 208 -19.86 20.54 13.53
CA VAL A 208 -18.72 21.09 14.27
C VAL A 208 -18.81 20.67 15.74
N LYS A 209 -17.66 20.35 16.32
CA LYS A 209 -17.59 19.93 17.72
C LYS A 209 -16.32 20.49 18.33
N SER A 210 -16.41 21.03 19.55
CA SER A 210 -15.33 21.83 20.08
C SER A 210 -15.25 21.71 21.59
N PHE A 211 -14.12 22.19 22.12
CA PHE A 211 -13.93 22.38 23.55
C PHE A 211 -12.85 23.43 23.75
N ASN A 212 -12.83 24.02 24.95
CA ASN A 212 -11.78 24.94 25.35
C ASN A 212 -10.98 24.34 26.50
N ARG A 213 -9.67 24.56 26.48
CA ARG A 213 -8.77 23.84 27.39
C ARG A 213 -9.07 24.15 28.85
N ASN A 214 -9.58 25.35 29.14
CA ASN A 214 -10.23 25.72 30.39
C ASN A 214 -11.69 25.26 30.38
N GLU A 215 -12.57 26.00 31.03
CA GLU A 215 -14.01 25.79 30.85
C GLU A 215 -14.60 24.52 31.45
N CYS A 216 -14.76 24.52 32.79
CA CYS A 216 -15.80 23.71 33.43
C CYS A 216 -17.04 23.61 32.55
N GLU B 1 -16.00 -31.97 20.80
CA GLU B 1 -16.20 -31.36 19.49
C GLU B 1 -14.85 -30.89 18.90
N VAL B 2 -14.79 -30.79 17.56
CA VAL B 2 -13.55 -30.49 16.87
C VAL B 2 -12.97 -29.16 17.33
N GLN B 3 -11.68 -29.16 17.63
CA GLN B 3 -10.96 -27.93 17.88
C GLN B 3 -9.56 -28.03 17.26
N LEU B 4 -9.12 -26.94 16.65
CA LEU B 4 -7.74 -26.73 16.24
C LEU B 4 -7.25 -25.48 16.97
N GLN B 5 -6.38 -25.66 17.97
CA GLN B 5 -5.91 -24.55 18.77
C GLN B 5 -4.52 -24.15 18.27
N GLN B 6 -4.39 -22.92 17.86
CA GLN B 6 -3.11 -22.40 17.46
C GLN B 6 -2.62 -21.41 18.51
N PRO B 7 -1.31 -21.26 18.69
CA PRO B 7 -0.84 -20.35 19.73
C PRO B 7 -1.05 -18.90 19.35
N GLY B 8 -0.72 -18.00 20.27
CA GLY B 8 -0.93 -16.58 20.08
C GLY B 8 0.15 -15.97 19.22
N PRO B 9 0.09 -14.66 19.07
CA PRO B 9 0.94 -13.95 18.11
C PRO B 9 2.43 -14.07 18.42
N GLU B 10 3.23 -14.03 17.36
CA GLU B 10 4.69 -14.16 17.39
C GLU B 10 5.34 -12.95 16.73
N LEU B 11 6.32 -12.37 17.40
CA LEU B 11 7.23 -11.41 16.79
C LEU B 11 8.59 -12.07 16.61
N VAL B 12 9.18 -11.97 15.41
CA VAL B 12 10.45 -12.60 15.09
C VAL B 12 11.31 -11.59 14.34
N LYS B 13 12.65 -11.65 14.56
CA LYS B 13 13.59 -10.78 13.87
C LYS B 13 13.78 -11.27 12.42
N PRO B 14 14.12 -10.37 11.50
CA PRO B 14 14.44 -10.82 10.14
C PRO B 14 15.61 -11.81 10.15
N GLY B 15 15.52 -12.84 9.31
CA GLY B 15 16.52 -13.88 9.29
C GLY B 15 16.26 -15.00 10.27
N ALA B 16 15.40 -14.81 11.27
CA ALA B 16 15.17 -15.88 12.22
C ALA B 16 14.15 -16.89 11.69
N SER B 17 13.80 -17.85 12.54
CA SER B 17 12.82 -18.86 12.24
C SER B 17 11.69 -18.82 13.25
N VAL B 18 10.56 -19.39 12.88
CA VAL B 18 9.41 -19.54 13.76
C VAL B 18 8.80 -20.92 13.52
N LYS B 19 8.26 -21.50 14.58
CA LYS B 19 7.57 -22.78 14.50
C LYS B 19 6.16 -22.60 15.05
N VAL B 20 5.17 -22.67 14.18
CA VAL B 20 3.78 -22.45 14.58
C VAL B 20 3.11 -23.80 14.80
N SER B 21 2.35 -23.92 15.89
CA SER B 21 1.70 -25.18 16.25
C SER B 21 0.19 -25.12 16.03
N CYS B 22 -0.41 -26.32 15.96
CA CYS B 22 -1.84 -26.46 15.69
C CYS B 22 -2.26 -27.74 16.41
N LYS B 23 -2.87 -27.58 17.58
CA LYS B 23 -3.22 -28.72 18.44
C LYS B 23 -4.67 -29.13 18.19
N ALA B 24 -4.88 -30.40 17.83
CA ALA B 24 -6.17 -30.91 17.36
C ALA B 24 -6.82 -31.77 18.43
N SER B 25 -8.14 -31.64 18.56
CA SER B 25 -8.87 -32.46 19.52
C SER B 25 -10.32 -32.57 19.09
N GLY B 26 -11.03 -33.46 19.75
CA GLY B 26 -12.43 -33.64 19.49
C GLY B 26 -12.72 -34.55 18.33
N TYR B 27 -11.69 -35.12 17.71
CA TYR B 27 -11.86 -36.06 16.61
C TYR B 27 -10.62 -36.96 16.57
N SER B 28 -10.68 -37.99 15.73
CA SER B 28 -9.55 -38.89 15.60
C SER B 28 -8.49 -38.25 14.70
N PHE B 29 -7.29 -38.03 15.25
CA PHE B 29 -6.29 -37.17 14.63
C PHE B 29 -5.90 -37.65 13.23
N THR B 30 -5.81 -38.95 13.02
CA THR B 30 -5.29 -39.41 11.72
C THR B 30 -6.36 -39.43 10.63
N ASP B 31 -7.63 -39.11 10.97
CA ASP B 31 -8.72 -39.11 9.99
C ASP B 31 -8.59 -38.02 8.93
N HIS B 32 -7.87 -36.93 9.20
CA HIS B 32 -7.92 -35.80 8.28
C HIS B 32 -6.52 -35.23 8.04
N ASN B 33 -6.25 -34.89 6.78
CA ASN B 33 -5.06 -34.13 6.46
C ASN B 33 -5.17 -32.74 7.09
N MET B 34 -4.03 -32.17 7.43
CA MET B 34 -3.93 -30.82 7.97
C MET B 34 -3.32 -29.93 6.91
N TYR B 35 -4.08 -28.92 6.49
CA TYR B 35 -3.66 -27.93 5.51
C TYR B 35 -3.13 -26.70 6.24
N TRP B 36 -2.12 -26.05 5.63
CA TRP B 36 -1.61 -24.78 6.14
C TRP B 36 -1.77 -23.70 5.07
N VAL B 37 -2.15 -22.49 5.51
CA VAL B 37 -2.55 -21.38 4.63
C VAL B 37 -1.98 -20.07 5.17
N LYS B 38 -1.51 -19.21 4.27
CA LYS B 38 -1.02 -17.89 4.63
C LYS B 38 -2.03 -16.83 4.21
N GLN B 39 -2.31 -15.88 5.09
CA GLN B 39 -3.13 -14.72 4.73
C GLN B 39 -2.32 -13.47 5.08
N SER B 40 -1.75 -12.82 4.08
CA SER B 40 -1.12 -11.53 4.30
C SER B 40 -2.16 -10.42 4.30
N HIS B 41 -1.85 -9.34 5.02
CA HIS B 41 -2.76 -8.21 5.11
C HIS B 41 -3.22 -7.78 3.72
N GLY B 42 -4.50 -7.98 3.44
CA GLY B 42 -5.11 -7.46 2.23
C GLY B 42 -4.81 -8.24 0.99
N LYS B 43 -3.92 -9.22 1.07
CA LYS B 43 -3.69 -10.16 -0.03
C LYS B 43 -4.64 -11.35 0.12
N SER B 44 -4.69 -12.18 -0.91
CA SER B 44 -5.56 -13.34 -0.85
C SER B 44 -4.91 -14.43 -0.01
N LEU B 45 -5.46 -15.63 -0.05
CA LEU B 45 -4.90 -16.76 0.67
C LEU B 45 -3.94 -17.58 -0.21
N GLU B 46 -2.95 -18.18 0.44
CA GLU B 46 -2.03 -19.07 -0.24
C GLU B 46 -1.96 -20.39 0.50
N TRP B 47 -2.21 -21.47 -0.22
CA TRP B 47 -1.96 -22.79 0.32
C TRP B 47 -0.45 -23.01 0.45
N ILE B 48 0.03 -23.33 1.65
CA ILE B 48 1.46 -23.59 1.87
C ILE B 48 1.80 -25.05 1.64
N GLY B 49 1.03 -25.94 2.22
CA GLY B 49 1.32 -27.35 2.12
C GLY B 49 0.32 -28.07 2.99
N SER B 50 0.42 -29.39 2.97
CA SER B 50 -0.40 -30.22 3.84
C SER B 50 0.44 -31.37 4.35
N ILE B 51 -0.04 -31.97 5.42
CA ILE B 51 0.60 -33.12 6.00
C ILE B 51 -0.49 -34.11 6.39
N ASP B 52 -0.19 -35.39 6.28
CA ASP B 52 -1.17 -36.41 6.53
C ASP B 52 -0.76 -37.13 7.82
N PRO B 53 -1.50 -36.93 8.91
CA PRO B 53 -1.09 -37.54 10.19
C PRO B 53 -1.04 -39.06 10.15
N TYR B 54 -1.85 -39.70 9.29
CA TYR B 54 -1.87 -41.15 9.23
C TYR B 54 -0.49 -41.72 8.90
N ASN B 55 0.21 -41.15 7.94
CA ASN B 55 1.46 -41.73 7.51
C ASN B 55 2.62 -40.75 7.51
N GLY B 56 2.38 -39.49 7.88
CA GLY B 56 3.41 -38.49 7.97
C GLY B 56 3.81 -37.87 6.65
N GLY B 57 3.15 -38.27 5.56
CA GLY B 57 3.49 -37.73 4.26
C GLY B 57 3.13 -36.26 4.16
N THR B 58 3.97 -35.55 3.43
CA THR B 58 3.84 -34.11 3.27
C THR B 58 3.77 -33.77 1.79
N ARG B 59 3.13 -32.65 1.51
CA ARG B 59 3.00 -32.09 0.19
C ARG B 59 3.23 -30.58 0.32
N TYR B 60 3.98 -29.98 -0.59
CA TYR B 60 4.35 -28.58 -0.45
C TYR B 60 3.99 -27.78 -1.69
N ASN B 61 3.47 -26.57 -1.50
CA ASN B 61 3.48 -25.58 -2.57
C ASN B 61 4.94 -25.28 -2.94
N GLN B 62 5.28 -25.38 -4.23
CA GLN B 62 6.68 -25.23 -4.63
C GLN B 62 7.26 -23.86 -4.25
N LYS B 63 6.43 -22.82 -4.20
CA LYS B 63 6.86 -21.51 -3.75
C LYS B 63 7.35 -21.50 -2.31
N PHE B 64 6.93 -22.47 -1.50
CA PHE B 64 7.30 -22.54 -0.09
C PHE B 64 8.28 -23.68 0.19
N ARG B 65 8.66 -24.47 -0.81
CA ARG B 65 9.63 -25.52 -0.55
C ARG B 65 10.98 -24.91 -0.19
N GLY B 66 11.64 -25.49 0.82
CA GLY B 66 12.84 -24.93 1.37
C GLY B 66 12.60 -23.91 2.47
N LYS B 67 11.38 -23.39 2.58
CA LYS B 67 11.06 -22.41 3.60
C LYS B 67 10.12 -22.93 4.68
N ALA B 68 9.12 -23.72 4.33
CA ALA B 68 8.23 -24.34 5.29
C ALA B 68 8.60 -25.81 5.45
N THR B 69 8.53 -26.29 6.69
CA THR B 69 8.68 -27.71 6.98
C THR B 69 7.53 -28.15 7.88
N LEU B 70 6.72 -29.09 7.41
CA LEU B 70 5.56 -29.55 8.16
C LEU B 70 5.89 -30.84 8.88
N THR B 71 5.55 -30.88 10.17
CA THR B 71 5.71 -32.10 10.96
C THR B 71 4.43 -32.29 11.79
N VAL B 72 4.23 -33.51 12.30
CA VAL B 72 3.21 -33.75 13.32
C VAL B 72 3.85 -34.53 14.45
N ASP B 73 3.35 -34.29 15.66
CA ASP B 73 3.61 -35.12 16.82
C ASP B 73 2.31 -35.83 17.19
N LYS B 74 2.20 -37.10 16.81
CA LYS B 74 0.94 -37.82 16.94
C LYS B 74 0.57 -38.03 18.39
N SER B 75 1.58 -38.13 19.25
CA SER B 75 1.39 -38.40 20.67
C SER B 75 0.63 -37.27 21.39
N SER B 76 0.73 -36.04 20.91
CA SER B 76 -0.06 -34.94 21.42
C SER B 76 -1.05 -34.38 20.40
N GLY B 77 -1.15 -35.00 19.23
CA GLY B 77 -2.10 -34.54 18.22
C GLY B 77 -1.82 -33.16 17.70
N THR B 78 -0.54 -32.77 17.62
CA THR B 78 -0.16 -31.43 17.25
C THR B 78 0.57 -31.41 15.91
N ALA B 79 0.11 -30.58 14.98
CA ALA B 79 0.84 -30.34 13.75
C ALA B 79 1.70 -29.09 13.94
N PHE B 80 2.83 -29.05 13.25
CA PHE B 80 3.76 -27.94 13.33
C PHE B 80 4.10 -27.42 11.95
N MET B 81 4.28 -26.10 11.84
CA MET B 81 4.85 -25.54 10.62
C MET B 81 6.02 -24.66 10.99
N HIS B 82 7.20 -25.08 10.55
CA HIS B 82 8.45 -24.35 10.76
C HIS B 82 8.72 -23.50 9.51
N LEU B 83 9.00 -22.22 9.71
CA LEU B 83 9.31 -21.28 8.63
C LEU B 83 10.65 -20.63 8.89
N ASN B 84 11.62 -20.81 7.98
CA ASN B 84 12.96 -20.27 8.16
C ASN B 84 13.19 -19.01 7.31
N SER B 85 14.30 -18.33 7.59
CA SER B 85 14.79 -17.23 6.75
C SER B 85 13.76 -16.12 6.59
N LEU B 86 13.11 -15.76 7.69
CA LEU B 86 11.95 -14.87 7.63
C LEU B 86 12.31 -13.43 7.29
N THR B 87 11.45 -12.81 6.48
CA THR B 87 11.55 -11.40 6.16
C THR B 87 10.17 -10.78 6.36
N SER B 88 10.08 -9.46 6.22
CA SER B 88 8.81 -8.79 6.40
C SER B 88 7.75 -9.30 5.41
N GLU B 89 8.16 -9.85 4.26
CA GLU B 89 7.23 -10.51 3.34
C GLU B 89 6.49 -11.67 4.00
N ASP B 90 7.04 -12.25 5.06
CA ASP B 90 6.42 -13.37 5.73
C ASP B 90 5.48 -12.95 6.86
N SER B 91 5.35 -11.66 7.16
CA SER B 91 4.36 -11.25 8.16
C SER B 91 2.97 -11.56 7.64
N ALA B 92 2.18 -12.29 8.40
CA ALA B 92 0.89 -12.77 7.93
C ALA B 92 0.25 -13.57 9.05
N VAL B 93 -1.04 -13.84 8.89
CA VAL B 93 -1.72 -14.82 9.70
C VAL B 93 -1.52 -16.17 9.04
N TYR B 94 -1.00 -17.15 9.79
CA TYR B 94 -0.84 -18.53 9.32
C TYR B 94 -1.92 -19.40 9.94
N TYR B 95 -2.67 -20.11 9.09
CA TYR B 95 -3.79 -20.94 9.50
C TYR B 95 -3.48 -22.42 9.26
N CYS B 96 -3.99 -23.25 10.14
CA CYS B 96 -4.20 -24.67 9.88
C CYS B 96 -5.70 -24.94 9.81
N TYR B 97 -6.07 -25.93 9.01
CA TYR B 97 -7.49 -26.25 8.89
C TYR B 97 -7.62 -27.66 8.33
N ILE B 98 -8.81 -28.24 8.53
CA ILE B 98 -9.14 -29.57 8.02
C ILE B 98 -10.49 -29.50 7.34
N GLY B 99 -10.82 -30.52 6.55
CA GLY B 99 -12.11 -30.50 5.87
C GLY B 99 -12.45 -31.79 5.14
N SER B 100 -13.71 -31.88 4.75
CA SER B 100 -14.29 -33.04 4.08
C SER B 100 -15.56 -32.57 3.36
N PHE B 101 -16.32 -33.52 2.81
CA PHE B 101 -17.66 -33.16 2.32
C PHE B 101 -18.56 -32.67 3.45
N TYR B 102 -18.28 -33.11 4.67
CA TYR B 102 -19.23 -32.92 5.77
C TYR B 102 -18.99 -31.65 6.58
N PHE B 103 -17.74 -31.21 6.74
CA PHE B 103 -17.48 -29.97 7.47
C PHE B 103 -16.13 -29.41 7.04
N VAL B 104 -15.90 -28.14 7.39
CA VAL B 104 -14.59 -27.52 7.29
C VAL B 104 -14.34 -26.74 8.58
N TYR B 105 -13.15 -26.90 9.16
CA TYR B 105 -12.81 -26.23 10.42
C TYR B 105 -11.46 -25.58 10.28
N TRP B 106 -11.43 -24.26 10.44
CA TRP B 106 -10.18 -23.53 10.51
C TRP B 106 -9.81 -23.21 11.95
N GLY B 107 -8.50 -23.20 12.22
CA GLY B 107 -8.00 -22.62 13.45
C GLY B 107 -8.11 -21.09 13.39
N GLN B 108 -7.81 -20.47 14.53
CA GLN B 108 -7.98 -19.02 14.67
C GLN B 108 -6.84 -18.27 14.00
N GLY B 109 -5.76 -18.97 13.65
CA GLY B 109 -4.63 -18.35 12.98
C GLY B 109 -3.63 -17.80 13.97
N THR B 110 -2.38 -17.75 13.55
CA THR B 110 -1.30 -17.20 14.36
C THR B 110 -0.71 -16.05 13.58
N LEU B 111 -0.90 -14.84 14.08
CA LEU B 111 -0.23 -13.68 13.50
C LEU B 111 1.27 -13.74 13.77
N VAL B 112 2.07 -13.69 12.70
CA VAL B 112 3.52 -13.61 12.83
C VAL B 112 3.96 -12.29 12.24
N THR B 113 4.62 -11.48 13.07
CA THR B 113 5.25 -10.24 12.64
C THR B 113 6.74 -10.46 12.58
N VAL B 114 7.34 -10.14 11.43
CA VAL B 114 8.78 -10.23 11.25
C VAL B 114 9.30 -8.81 11.18
N SER B 115 9.95 -8.36 12.24
CA SER B 115 10.42 -6.99 12.31
C SER B 115 11.59 -6.89 13.27
N SER B 116 12.44 -5.89 13.04
CA SER B 116 13.50 -5.55 13.99
C SER B 116 13.03 -4.73 15.17
N ALA B 117 11.87 -4.08 15.09
CA ALA B 117 11.49 -3.14 16.14
C ALA B 117 11.14 -3.89 17.43
N LYS B 118 11.27 -3.22 18.57
CA LYS B 118 11.08 -3.91 19.83
C LYS B 118 9.62 -3.92 20.26
N THR B 119 9.29 -4.92 21.05
CA THR B 119 8.03 -4.91 21.77
C THR B 119 7.95 -3.70 22.68
N THR B 120 6.77 -3.07 22.70
CA THR B 120 6.50 -1.91 23.53
C THR B 120 5.06 -2.02 24.03
N PRO B 121 4.83 -2.05 25.35
CA PRO B 121 3.46 -2.15 25.84
C PRO B 121 2.70 -0.87 25.52
N PRO B 122 1.37 -0.96 25.32
CA PRO B 122 0.57 0.25 25.11
C PRO B 122 0.47 1.11 26.37
N SER B 123 0.36 2.42 26.16
CA SER B 123 -0.20 3.30 27.17
C SER B 123 -1.69 3.44 26.92
N VAL B 124 -2.51 3.33 27.98
CA VAL B 124 -3.97 3.31 27.86
C VAL B 124 -4.57 4.52 28.55
N TYR B 125 -5.28 5.36 27.79
CA TYR B 125 -5.77 6.67 28.22
C TYR B 125 -7.29 6.72 28.13
N PRO B 126 -7.99 6.98 29.22
CA PRO B 126 -9.45 7.15 29.15
C PRO B 126 -9.86 8.37 28.32
N LEU B 127 -10.95 8.24 27.57
CA LEU B 127 -11.51 9.38 26.83
C LEU B 127 -12.89 9.70 27.42
N ALA B 128 -12.99 10.83 28.12
CA ALA B 128 -14.21 11.23 28.77
C ALA B 128 -14.63 12.59 28.22
N PRO B 129 -15.94 12.85 28.14
CA PRO B 129 -16.39 14.10 27.54
C PRO B 129 -15.86 15.28 28.35
N GLY B 130 -15.46 16.33 27.64
CA GLY B 130 -15.05 17.55 28.34
C GLY B 130 -16.27 18.10 29.06
N SER B 131 -16.07 18.89 30.10
CA SER B 131 -17.25 19.36 30.88
C SER B 131 -18.31 19.91 29.91
N ALA B 132 -19.20 19.04 29.44
CA ALA B 132 -20.28 19.45 28.51
C ALA B 132 -21.53 18.67 28.91
N ALA B 133 -21.38 17.36 29.14
CA ALA B 133 -22.51 16.55 29.59
C ALA B 133 -23.68 16.63 28.61
N GLN B 134 -24.88 16.23 29.07
CA GLN B 134 -26.12 16.33 28.31
C GLN B 134 -27.26 15.77 29.16
N THR B 135 -28.50 15.87 28.70
CA THR B 135 -29.64 15.28 29.40
C THR B 135 -30.37 14.30 28.50
N ASN B 136 -30.74 13.15 29.07
CA ASN B 136 -31.63 12.17 28.43
C ASN B 136 -31.20 11.85 27.00
N SER B 137 -29.95 11.47 26.84
CA SER B 137 -29.37 11.24 25.52
C SER B 137 -28.40 10.06 25.61
N MET B 138 -27.60 9.90 24.57
CA MET B 138 -26.47 8.98 24.61
C MET B 138 -25.19 9.75 24.88
N VAL B 139 -24.25 9.10 25.55
CA VAL B 139 -22.93 9.65 25.76
C VAL B 139 -21.94 8.68 25.15
N THR B 140 -20.95 9.21 24.44
CA THR B 140 -19.92 8.38 23.84
C THR B 140 -18.63 8.54 24.65
N LEU B 141 -18.09 7.42 25.07
CA LEU B 141 -16.84 7.35 25.81
C LEU B 141 -15.81 6.65 24.94
N GLY B 142 -14.55 6.76 25.35
CA GLY B 142 -13.51 6.16 24.50
C GLY B 142 -12.28 5.71 25.26
N CYS B 143 -11.40 5.04 24.55
CA CYS B 143 -10.12 4.58 25.15
C CYS B 143 -9.05 4.77 24.08
N LEU B 144 -7.93 5.38 24.42
CA LEU B 144 -6.81 5.55 23.47
C LEU B 144 -5.72 4.54 23.87
N VAL B 145 -5.37 3.65 22.96
CA VAL B 145 -4.39 2.60 23.19
C VAL B 145 -3.19 2.98 22.35
N LYS B 146 -2.17 3.60 22.97
CA LYS B 146 -1.16 4.36 22.25
C LYS B 146 0.23 3.78 22.41
N GLY B 147 1.01 3.80 21.32
CA GLY B 147 2.43 3.46 21.35
C GLY B 147 2.82 2.01 21.61
N TYR B 148 2.22 1.03 20.93
CA TYR B 148 2.56 -0.36 21.16
C TYR B 148 3.09 -1.05 19.91
N PHE B 149 3.80 -2.18 20.14
CA PHE B 149 4.33 -3.02 19.08
C PHE B 149 4.56 -4.41 19.65
N PRO B 150 4.27 -5.48 18.90
CA PRO B 150 3.58 -5.54 17.61
C PRO B 150 2.06 -5.61 17.81
N GLU B 151 1.33 -5.77 16.70
CA GLU B 151 -0.06 -6.19 16.74
C GLU B 151 -0.16 -7.62 17.29
N PRO B 152 -1.29 -7.97 17.89
CA PRO B 152 -2.50 -7.19 18.11
C PRO B 152 -2.66 -6.67 19.53
N VAL B 153 -3.67 -5.83 19.75
CA VAL B 153 -4.25 -5.66 21.06
C VAL B 153 -5.70 -6.12 20.95
N THR B 154 -6.27 -6.51 22.08
CA THR B 154 -7.70 -6.72 22.15
C THR B 154 -8.30 -5.71 23.13
N VAL B 155 -9.42 -5.14 22.73
CA VAL B 155 -10.14 -4.15 23.54
C VAL B 155 -11.56 -4.65 23.76
N THR B 156 -11.98 -4.71 25.01
CA THR B 156 -13.38 -4.97 25.33
C THR B 156 -13.87 -3.88 26.29
N TRP B 157 -15.18 -3.82 26.46
CA TRP B 157 -15.80 -2.85 27.35
C TRP B 157 -16.59 -3.62 28.38
N ASN B 158 -16.36 -3.29 29.65
CA ASN B 158 -16.97 -4.00 30.78
C ASN B 158 -16.79 -5.52 30.62
N SER B 159 -15.54 -5.90 30.34
CA SER B 159 -15.12 -7.29 30.14
C SER B 159 -15.91 -7.96 29.01
N GLY B 160 -16.39 -7.17 28.05
CA GLY B 160 -17.00 -7.72 26.87
C GLY B 160 -18.49 -7.91 26.96
N SER B 161 -19.10 -7.46 28.05
CA SER B 161 -20.54 -7.51 28.21
C SER B 161 -21.23 -6.27 27.65
N LEU B 162 -20.47 -5.24 27.35
CA LEU B 162 -20.96 -4.14 26.54
C LEU B 162 -20.55 -4.46 25.12
N SER B 163 -21.53 -4.74 24.26
CA SER B 163 -21.23 -5.18 22.89
C SER B 163 -21.74 -4.18 21.85
N SER B 164 -23.04 -3.93 21.82
CA SER B 164 -23.58 -2.93 20.90
C SER B 164 -23.18 -1.53 21.32
N GLY B 165 -23.02 -0.65 20.33
CA GLY B 165 -22.49 0.69 20.54
C GLY B 165 -20.97 0.80 20.53
N VAL B 166 -20.25 -0.31 20.34
CA VAL B 166 -18.78 -0.30 20.45
C VAL B 166 -18.18 -0.24 19.05
N HIS B 167 -17.20 0.63 18.86
CA HIS B 167 -16.38 0.67 17.64
C HIS B 167 -14.92 0.65 18.04
N THR B 168 -14.20 -0.40 17.67
CA THR B 168 -12.77 -0.44 17.88
C THR B 168 -12.10 -0.26 16.53
N PHE B 169 -11.32 0.80 16.39
CA PHE B 169 -10.80 1.24 15.10
C PHE B 169 -9.49 0.53 14.76
N PRO B 170 -9.24 0.25 13.47
CA PRO B 170 -7.97 -0.40 13.13
C PRO B 170 -6.80 0.47 13.58
N ALA B 171 -5.77 -0.19 14.07
CA ALA B 171 -4.59 0.54 14.53
C ALA B 171 -3.92 1.23 13.36
N VAL B 172 -3.24 2.32 13.67
CA VAL B 172 -2.38 3.00 12.72
C VAL B 172 -0.92 2.83 13.15
N LEU B 173 -0.05 2.61 12.17
CA LEU B 173 1.37 2.40 12.41
C LEU B 173 2.15 3.68 12.10
N GLN B 174 2.86 4.21 13.08
CA GLN B 174 3.72 5.35 12.80
C GLN B 174 5.04 5.16 13.51
N SER B 175 6.12 5.12 12.73
CA SER B 175 7.46 5.08 13.26
C SER B 175 7.63 3.95 14.26
N ASP B 176 7.25 2.75 13.83
CA ASP B 176 7.46 1.48 14.55
C ASP B 176 6.50 1.30 15.73
N LEU B 177 5.48 2.13 15.88
CA LEU B 177 4.51 2.06 16.96
C LEU B 177 3.10 2.15 16.42
N TYR B 178 2.23 1.29 16.94
CA TYR B 178 0.80 1.27 16.63
C TYR B 178 0.03 2.13 17.62
N THR B 179 -1.08 2.71 17.14
CA THR B 179 -2.04 3.39 17.98
C THR B 179 -3.44 3.05 17.50
N LEU B 180 -4.33 2.77 18.43
CA LEU B 180 -5.73 2.62 18.08
C LEU B 180 -6.60 3.31 19.12
N SER B 181 -7.88 3.49 18.77
CA SER B 181 -8.88 3.94 19.72
C SER B 181 -10.09 3.03 19.65
N SER B 182 -10.92 3.11 20.69
CA SER B 182 -12.19 2.40 20.76
C SER B 182 -13.19 3.34 21.40
N SER B 183 -14.43 3.33 20.90
CA SER B 183 -15.50 4.12 21.48
C SER B 183 -16.64 3.20 21.91
N VAL B 184 -17.34 3.63 22.96
CA VAL B 184 -18.57 2.97 23.39
C VAL B 184 -19.62 4.05 23.63
N THR B 185 -20.88 3.76 23.28
CA THR B 185 -21.98 4.70 23.44
C THR B 185 -23.03 4.05 24.35
N VAL B 186 -23.34 4.71 25.46
CA VAL B 186 -24.28 4.21 26.47
C VAL B 186 -25.23 5.34 26.83
N PRO B 187 -26.44 5.01 27.34
CA PRO B 187 -27.36 6.07 27.71
C PRO B 187 -26.74 6.93 28.79
N SER B 188 -27.06 8.24 28.73
CA SER B 188 -26.54 9.18 29.71
C SER B 188 -27.03 8.86 31.11
N SER B 189 -28.18 8.19 31.24
CA SER B 189 -28.65 7.82 32.57
C SER B 189 -27.83 6.68 33.18
N THR B 190 -27.02 6.00 32.40
CA THR B 190 -26.18 4.95 32.94
C THR B 190 -24.73 5.39 33.22
N TRP B 191 -24.26 6.48 32.61
CA TRP B 191 -22.93 6.96 32.98
C TRP B 191 -23.03 8.45 33.21
N PRO B 192 -22.29 9.02 34.18
CA PRO B 192 -21.27 8.41 35.04
C PRO B 192 -21.81 7.62 36.23
N SER B 193 -23.13 7.45 36.39
CA SER B 193 -23.64 6.81 37.60
C SER B 193 -23.25 5.34 37.71
N GLU B 194 -23.08 4.64 36.57
CA GLU B 194 -22.66 3.24 36.55
C GLU B 194 -21.32 3.16 35.83
N THR B 195 -20.46 2.24 36.27
CA THR B 195 -19.09 2.28 35.78
C THR B 195 -18.99 1.77 34.35
N VAL B 196 -18.07 2.36 33.60
CA VAL B 196 -17.74 1.91 32.26
C VAL B 196 -16.23 1.80 32.21
N THR B 197 -15.75 0.62 31.83
CA THR B 197 -14.31 0.36 31.90
C THR B 197 -13.83 -0.26 30.61
N CYS B 198 -12.66 0.18 30.16
CA CYS B 198 -12.06 -0.34 28.92
C CYS B 198 -10.97 -1.36 29.29
N ASN B 199 -11.04 -2.56 28.72
CA ASN B 199 -10.08 -3.65 29.04
C ASN B 199 -9.15 -3.83 27.83
N VAL B 200 -7.85 -3.64 28.03
CA VAL B 200 -6.89 -3.69 26.95
C VAL B 200 -5.89 -4.79 27.24
N ALA B 201 -5.77 -5.74 26.32
CA ALA B 201 -4.80 -6.82 26.45
C ALA B 201 -3.79 -6.72 25.31
N HIS B 202 -2.50 -6.83 25.64
CA HIS B 202 -1.42 -6.81 24.66
C HIS B 202 -0.58 -8.06 24.90
N PRO B 203 -0.94 -9.18 24.28
CA PRO B 203 -0.26 -10.43 24.61
C PRO B 203 1.25 -10.40 24.37
N ALA B 204 1.75 -9.64 23.40
CA ALA B 204 3.19 -9.63 23.12
C ALA B 204 4.01 -9.11 24.30
N SER B 205 3.49 -8.15 25.06
CA SER B 205 4.19 -7.64 26.23
C SER B 205 3.57 -8.12 27.53
N SER B 206 2.68 -9.11 27.48
CA SER B 206 1.96 -9.59 28.66
C SER B 206 1.29 -8.46 29.44
N THR B 207 0.76 -7.48 28.73
CA THR B 207 0.08 -6.35 29.33
C THR B 207 -1.42 -6.58 29.37
N LYS B 208 -2.01 -6.35 30.54
CA LYS B 208 -3.46 -6.36 30.78
C LYS B 208 -3.78 -5.10 31.58
N VAL B 209 -4.61 -4.21 31.01
CA VAL B 209 -4.99 -2.98 31.69
C VAL B 209 -6.51 -2.78 31.62
N ASP B 210 -7.08 -2.39 32.77
CA ASP B 210 -8.47 -1.93 32.85
C ASP B 210 -8.43 -0.44 33.18
N LYS B 211 -9.01 0.38 32.32
CA LYS B 211 -9.06 1.83 32.48
C LYS B 211 -10.52 2.21 32.69
N LYS B 212 -10.90 2.53 33.93
CA LYS B 212 -12.23 3.04 34.18
C LYS B 212 -12.34 4.46 33.63
N ILE B 213 -13.45 4.76 32.97
CA ILE B 213 -13.71 6.10 32.45
C ILE B 213 -14.39 6.91 33.55
N VAL B 214 -13.76 7.98 33.99
CA VAL B 214 -14.33 8.82 35.04
C VAL B 214 -14.61 10.22 34.50
N PRO B 215 -15.61 10.94 35.00
CA PRO B 215 -15.89 12.28 34.48
C PRO B 215 -14.68 13.19 34.64
N ARG B 216 -14.50 14.07 33.66
CA ARG B 216 -13.36 14.97 33.70
C ARG B 216 -13.47 15.89 34.89
N ASP B 217 -12.33 16.14 35.54
CA ASP B 217 -12.28 17.01 36.69
C ASP B 217 -11.95 18.43 36.25
N CYS B 218 -12.83 19.36 36.57
CA CYS B 218 -12.55 20.74 36.27
C CYS B 218 -11.84 21.39 37.45
N ASP C 3 17.58 -19.48 2.93
CA ASP C 3 18.03 -18.32 2.15
C ASP C 3 18.63 -17.26 3.08
N ILE C 4 19.71 -16.60 2.64
CA ILE C 4 20.27 -15.52 3.45
C ILE C 4 19.32 -14.33 3.45
N VAL C 5 19.09 -13.76 4.62
CA VAL C 5 18.36 -12.49 4.72
C VAL C 5 19.37 -11.38 4.93
N MET C 6 19.28 -10.34 4.11
CA MET C 6 20.19 -9.22 4.16
C MET C 6 19.35 -8.09 4.75
N THR C 7 19.60 -7.71 6.01
CA THR C 7 18.74 -6.75 6.71
C THR C 7 19.44 -5.39 6.73
N GLN C 8 18.84 -4.41 6.05
CA GLN C 8 19.51 -3.16 5.76
C GLN C 8 18.95 -2.06 6.63
N SER C 9 19.80 -1.11 7.01
CA SER C 9 19.28 0.03 7.77
C SER C 9 20.21 1.22 7.60
N PRO C 10 19.69 2.45 7.69
CA PRO C 10 18.28 2.85 7.92
C PRO C 10 17.40 2.77 6.68
N LYS C 11 16.09 2.85 6.83
CA LYS C 11 15.30 2.78 5.57
C LYS C 11 15.39 4.12 4.85
N PHE C 12 15.62 5.21 5.58
CA PHE C 12 15.67 6.55 4.95
C PHE C 12 16.75 7.38 5.62
N MET C 13 17.40 8.23 4.85
CA MET C 13 18.53 9.03 5.37
C MET C 13 18.50 10.43 4.76
N SER C 14 18.70 11.45 5.59
CA SER C 14 18.79 12.81 5.09
C SER C 14 20.14 13.38 5.52
N SER C 15 20.94 13.86 4.56
CA SER C 15 22.18 14.53 4.91
C SER C 15 22.44 15.74 3.99
N SER C 16 23.21 16.66 4.54
CA SER C 16 23.59 17.86 3.77
C SER C 16 24.85 17.53 2.94
N VAL C 17 25.08 18.27 1.88
CA VAL C 17 26.22 18.02 1.01
C VAL C 17 27.51 18.11 1.83
N GLY C 18 28.41 17.14 1.64
CA GLY C 18 29.66 17.08 2.37
C GLY C 18 29.63 16.26 3.63
N ASP C 19 28.46 15.83 4.08
CA ASP C 19 28.35 14.93 5.23
C ASP C 19 28.85 13.53 4.84
N ARG C 20 29.22 12.76 5.86
CA ARG C 20 29.45 11.34 5.71
C ARG C 20 28.17 10.58 6.01
N VAL C 21 27.90 9.57 5.20
CA VAL C 21 26.67 8.80 5.35
C VAL C 21 27.05 7.32 5.25
N SER C 22 26.46 6.50 6.11
CA SER C 22 26.74 5.07 6.04
C SER C 22 25.47 4.26 6.09
N VAL C 23 25.43 3.22 5.26
CA VAL C 23 24.36 2.24 5.22
C VAL C 23 24.95 0.92 5.68
N THR C 24 24.26 0.23 6.56
CA THR C 24 24.73 -1.06 7.02
C THR C 24 23.83 -2.18 6.51
N CYS C 25 24.45 -3.34 6.30
CA CYS C 25 23.78 -4.55 5.85
C CYS C 25 24.16 -5.70 6.78
N LYS C 26 23.16 -6.31 7.44
CA LYS C 26 23.38 -7.48 8.30
C LYS C 26 22.89 -8.75 7.60
N ALA C 27 23.78 -9.72 7.40
CA ALA C 27 23.43 -11.00 6.80
C ALA C 27 23.03 -11.98 7.89
N SER C 28 21.94 -12.72 7.66
CA SER C 28 21.48 -13.67 8.67
C SER C 28 22.43 -14.86 8.87
N GLN C 29 23.34 -15.10 7.93
CA GLN C 29 24.40 -16.10 8.08
C GLN C 29 25.68 -15.57 7.45
N ASN C 30 26.80 -16.21 7.81
CA ASN C 30 28.11 -15.78 7.30
C ASN C 30 28.11 -15.85 5.77
N VAL C 31 28.52 -14.76 5.13
CA VAL C 31 28.57 -14.73 3.66
C VAL C 31 29.98 -14.33 3.21
N GLY C 32 30.96 -14.45 4.10
CA GLY C 32 32.37 -14.16 3.74
C GLY C 32 32.56 -12.70 3.35
N ILE C 33 33.16 -12.45 2.19
CA ILE C 33 33.19 -11.08 1.69
C ILE C 33 32.32 -10.91 0.46
N ASN C 34 31.51 -11.93 0.11
CA ASN C 34 30.80 -11.91 -1.16
C ASN C 34 29.52 -11.08 -1.02
N VAL C 35 29.74 -9.80 -0.82
CA VAL C 35 28.68 -8.80 -0.75
C VAL C 35 29.01 -7.68 -1.73
N ALA C 36 27.98 -7.21 -2.42
CA ALA C 36 28.06 -6.08 -3.33
C ALA C 36 27.17 -4.96 -2.82
N TRP C 37 27.44 -3.74 -3.29
CA TRP C 37 26.57 -2.61 -3.03
C TRP C 37 26.14 -1.97 -4.35
N TYR C 38 24.88 -1.54 -4.38
CA TYR C 38 24.27 -0.95 -5.56
C TYR C 38 23.72 0.43 -5.27
N GLN C 39 23.61 1.23 -6.32
CA GLN C 39 22.92 2.50 -6.33
C GLN C 39 21.85 2.44 -7.41
N GLN C 40 20.67 2.99 -7.14
CA GLN C 40 19.62 3.03 -8.16
C GLN C 40 18.90 4.36 -8.05
N LYS C 41 19.06 5.20 -9.07
CA LYS C 41 18.34 6.46 -9.16
C LYS C 41 16.95 6.23 -9.76
N PRO C 42 16.00 7.13 -9.52
CA PRO C 42 14.63 6.90 -10.00
C PRO C 42 14.57 6.78 -11.51
N GLY C 43 13.75 5.84 -11.99
CA GLY C 43 13.63 5.62 -13.43
C GLY C 43 14.82 4.96 -14.10
N GLN C 44 15.82 4.50 -13.35
CA GLN C 44 17.04 3.93 -13.90
C GLN C 44 17.26 2.53 -13.36
N SER C 45 18.06 1.77 -14.09
CA SER C 45 18.46 0.45 -13.61
C SER C 45 19.60 0.54 -12.58
N PRO C 46 19.76 -0.48 -11.74
CA PRO C 46 20.80 -0.44 -10.70
C PRO C 46 22.20 -0.33 -11.29
N LYS C 47 23.07 0.37 -10.55
CA LYS C 47 24.47 0.54 -10.90
C LYS C 47 25.30 -0.03 -9.76
N ALA C 48 26.16 -1.01 -10.07
CA ALA C 48 27.00 -1.62 -9.05
C ALA C 48 28.08 -0.65 -8.57
N LEU C 49 28.26 -0.59 -7.26
CA LEU C 49 29.23 0.29 -6.61
C LEU C 49 30.47 -0.49 -6.16
N ILE C 50 30.25 -1.60 -5.46
CA ILE C 50 31.25 -2.31 -4.70
C ILE C 50 30.98 -3.79 -4.89
N HIS C 51 32.03 -4.59 -5.12
CA HIS C 51 31.93 -6.05 -5.02
C HIS C 51 32.97 -6.53 -4.03
N SER C 52 32.84 -7.79 -3.59
CA SER C 52 33.77 -8.33 -2.60
C SER C 52 33.85 -7.48 -1.33
N ALA C 53 32.73 -6.84 -0.98
CA ALA C 53 32.53 -6.02 0.22
C ALA C 53 33.34 -4.72 0.28
N SER C 54 34.49 -4.63 -0.43
CA SER C 54 35.30 -3.43 -0.31
C SER C 54 35.97 -3.00 -1.60
N TYR C 55 35.70 -3.67 -2.72
CA TYR C 55 36.35 -3.37 -4.00
C TYR C 55 35.44 -2.48 -4.84
N ARG C 56 35.83 -1.22 -5.03
CA ARG C 56 35.09 -0.30 -5.87
C ARG C 56 35.18 -0.68 -7.35
N TYR C 57 34.05 -0.60 -8.05
CA TYR C 57 34.05 -0.77 -9.50
C TYR C 57 34.64 0.43 -10.21
N SER C 58 35.22 0.17 -11.38
CA SER C 58 35.78 1.26 -12.17
C SER C 58 34.69 2.26 -12.55
N GLY C 59 35.03 3.54 -12.50
CA GLY C 59 34.09 4.58 -12.83
C GLY C 59 33.14 4.94 -11.71
N VAL C 60 33.27 4.34 -10.55
CA VAL C 60 32.55 4.74 -9.34
C VAL C 60 33.40 5.77 -8.61
N PRO C 61 32.86 6.92 -8.22
CA PRO C 61 33.69 7.91 -7.53
C PRO C 61 34.25 7.34 -6.24
N ASP C 62 35.47 7.75 -5.90
CA ASP C 62 36.16 7.21 -4.73
C ASP C 62 35.51 7.65 -3.43
N ARG C 63 34.45 8.46 -3.51
CA ARG C 63 33.71 8.87 -2.29
C ARG C 63 33.01 7.63 -1.71
N PHE C 64 32.74 6.63 -2.56
CA PHE C 64 32.09 5.41 -2.12
C PHE C 64 33.13 4.40 -1.66
N THR C 65 33.02 3.94 -0.42
CA THR C 65 33.84 2.85 0.08
C THR C 65 32.94 1.80 0.72
N GLY C 66 33.45 0.57 0.80
CA GLY C 66 32.73 -0.52 1.40
C GLY C 66 33.62 -1.25 2.38
N SER C 67 32.99 -1.83 3.40
CA SER C 67 33.75 -2.60 4.37
C SER C 67 32.88 -3.66 5.01
N GLY C 68 33.55 -4.60 5.69
CA GLY C 68 32.88 -5.61 6.49
C GLY C 68 33.22 -7.02 6.02
N SER C 69 32.88 -7.97 6.87
CA SER C 69 33.22 -9.37 6.68
C SER C 69 32.29 -10.23 7.52
N GLY C 70 31.96 -11.41 7.02
CA GLY C 70 31.13 -12.29 7.85
C GLY C 70 29.66 -11.93 7.73
N THR C 71 29.13 -11.18 8.70
CA THR C 71 27.73 -10.80 8.69
C THR C 71 27.45 -9.29 8.68
N ASP C 72 28.44 -8.44 8.96
CA ASP C 72 28.19 -7.00 9.04
C ASP C 72 28.94 -6.27 7.93
N PHE C 73 28.23 -5.47 7.14
CA PHE C 73 28.80 -4.82 5.98
C PHE C 73 28.34 -3.37 5.96
N THR C 74 29.23 -2.47 5.54
CA THR C 74 28.95 -1.04 5.59
C THR C 74 29.34 -0.38 4.28
N LEU C 75 28.40 0.38 3.71
CA LEU C 75 28.67 1.28 2.60
C LEU C 75 28.80 2.68 3.15
N THR C 76 29.81 3.38 2.70
CA THR C 76 30.10 4.71 3.20
C THR C 76 30.14 5.64 2.00
N ILE C 77 29.49 6.79 2.13
CA ILE C 77 29.64 7.84 1.15
C ILE C 77 30.24 9.04 1.86
N SER C 78 31.56 9.21 1.72
CA SER C 78 32.22 10.41 2.16
C SER C 78 31.83 11.59 1.27
N ASN C 79 31.71 12.77 1.87
CA ASN C 79 31.51 14.02 1.14
C ASN C 79 30.36 13.91 0.14
N VAL C 80 29.18 13.59 0.66
CA VAL C 80 28.02 13.36 -0.19
C VAL C 80 27.74 14.56 -1.06
N GLN C 81 27.47 14.30 -2.33
CA GLN C 81 27.06 15.31 -3.28
C GLN C 81 25.57 15.14 -3.58
N SER C 82 24.97 16.20 -4.12
CA SER C 82 23.54 16.14 -4.39
C SER C 82 23.22 15.07 -5.41
N GLU C 83 24.13 14.80 -6.35
CA GLU C 83 23.91 13.82 -7.40
C GLU C 83 23.88 12.40 -6.83
N ASP C 84 24.33 12.20 -5.59
CA ASP C 84 24.25 10.94 -4.89
C ASP C 84 22.84 10.57 -4.42
N LEU C 85 21.86 11.48 -4.48
CA LEU C 85 20.55 11.09 -3.98
C LEU C 85 20.01 9.96 -4.85
N ALA C 86 19.56 8.89 -4.19
CA ALA C 86 19.20 7.65 -4.86
C ALA C 86 18.79 6.68 -3.77
N ASP C 87 18.30 5.51 -4.19
CA ASP C 87 18.23 4.35 -3.31
C ASP C 87 19.58 3.63 -3.31
N TYR C 88 19.84 2.92 -2.23
CA TYR C 88 21.04 2.10 -2.10
C TYR C 88 20.64 0.75 -1.55
N PHE C 89 21.35 -0.31 -1.98
CA PHE C 89 21.07 -1.62 -1.39
C PHE C 89 22.26 -2.55 -1.60
N CYS C 90 22.40 -3.49 -0.67
CA CYS C 90 23.41 -4.54 -0.67
C CYS C 90 22.81 -5.81 -1.28
N GLN C 91 23.70 -6.70 -1.69
CA GLN C 91 23.32 -8.00 -2.23
C GLN C 91 24.39 -8.97 -1.77
N GLN C 92 24.00 -10.13 -1.26
CA GLN C 92 24.96 -11.20 -1.01
C GLN C 92 24.91 -12.16 -2.18
N TYR C 93 26.08 -12.63 -2.61
CA TYR C 93 26.16 -13.62 -3.68
C TYR C 93 27.09 -14.77 -3.28
N ASN C 94 27.19 -15.03 -1.98
CA ASN C 94 27.99 -16.14 -1.49
C ASN C 94 27.33 -17.50 -1.72
N ILE C 95 26.00 -17.60 -1.67
CA ILE C 95 25.30 -18.83 -1.99
C ILE C 95 23.99 -18.49 -2.71
N TYR C 96 23.49 -19.47 -3.45
CA TYR C 96 22.19 -19.36 -4.13
C TYR C 96 21.04 -19.68 -3.18
N PRO C 97 19.89 -19.00 -3.30
CA PRO C 97 19.64 -17.82 -4.15
C PRO C 97 20.46 -16.60 -3.73
N TRP C 98 20.94 -15.79 -4.68
CA TRP C 98 21.46 -14.48 -4.30
C TRP C 98 20.32 -13.65 -3.76
N THR C 99 20.60 -12.84 -2.74
CA THR C 99 19.54 -12.03 -2.15
C THR C 99 20.01 -10.61 -1.90
N PHE C 100 19.02 -9.72 -1.76
CA PHE C 100 19.20 -8.28 -1.73
C PHE C 100 18.62 -7.72 -0.45
N GLY C 101 19.24 -6.63 0.04
CA GLY C 101 18.65 -5.88 1.14
C GLY C 101 17.60 -4.91 0.64
N GLY C 102 16.71 -4.49 1.54
CA GLY C 102 15.72 -3.50 1.18
C GLY C 102 16.36 -2.13 1.00
N ALA C 103 15.82 -1.35 0.07
CA ALA C 103 16.46 -0.09 -0.31
C ALA C 103 16.61 0.86 0.87
N THR C 104 17.68 1.64 0.84
CA THR C 104 17.84 2.82 1.71
C THR C 104 17.79 4.05 0.83
N LYS C 105 16.82 4.94 1.08
CA LYS C 105 16.66 6.13 0.24
C LYS C 105 17.46 7.29 0.84
N LEU C 106 18.32 7.90 0.02
CA LEU C 106 19.10 9.03 0.49
C LEU C 106 18.52 10.33 -0.06
N GLU C 107 18.04 11.20 0.84
CA GLU C 107 17.71 12.59 0.50
C GLU C 107 18.90 13.48 0.85
N ILE C 108 19.20 14.44 -0.03
CA ILE C 108 20.24 15.43 0.23
C ILE C 108 19.58 16.74 0.62
N LYS C 109 20.02 17.33 1.72
CA LYS C 109 19.43 18.54 2.26
C LYS C 109 19.85 19.77 1.46
N ARG C 110 19.02 20.81 1.56
CA ARG C 110 19.27 22.12 0.98
C ARG C 110 18.51 23.15 1.80
N ALA C 111 18.72 24.42 1.48
CA ALA C 111 17.97 25.47 2.16
C ALA C 111 16.49 25.46 1.75
N ASP C 112 15.66 25.99 2.65
CA ASP C 112 14.22 26.04 2.41
C ASP C 112 13.88 26.86 1.18
N ALA C 113 12.81 26.47 0.50
CA ALA C 113 12.47 27.01 -0.80
C ALA C 113 10.95 26.95 -0.95
N ALA C 114 10.35 28.12 -1.15
CA ALA C 114 8.90 28.22 -1.29
C ALA C 114 8.45 27.63 -2.63
N PRO C 115 7.27 27.02 -2.68
CA PRO C 115 6.76 26.52 -3.95
C PRO C 115 6.50 27.64 -4.92
N THR C 116 6.72 27.36 -6.21
CA THR C 116 6.23 28.18 -7.32
C THR C 116 4.90 27.59 -7.77
N VAL C 117 3.84 28.39 -7.73
CA VAL C 117 2.48 27.87 -7.83
C VAL C 117 1.79 28.42 -9.06
N SER C 118 1.11 27.53 -9.79
CA SER C 118 0.40 27.89 -11.00
C SER C 118 -0.90 27.11 -11.06
N ILE C 119 -1.96 27.76 -11.53
CA ILE C 119 -3.27 27.14 -11.65
C ILE C 119 -3.68 27.18 -13.11
N PHE C 120 -4.38 26.15 -13.57
CA PHE C 120 -4.72 26.04 -14.98
C PHE C 120 -6.20 25.70 -15.13
N PRO C 121 -6.98 26.49 -15.86
CA PRO C 121 -8.37 26.15 -16.12
C PRO C 121 -8.47 24.95 -17.04
N PRO C 122 -9.61 24.25 -17.04
CA PRO C 122 -9.76 23.12 -17.98
C PRO C 122 -9.65 23.59 -19.42
N SER C 123 -9.03 22.76 -20.23
CA SER C 123 -8.92 23.01 -21.66
C SER C 123 -10.29 22.90 -22.32
N SER C 124 -10.47 23.64 -23.41
CA SER C 124 -11.71 23.51 -24.19
C SER C 124 -11.83 22.12 -24.79
N GLU C 125 -10.70 21.52 -25.15
CA GLU C 125 -10.75 20.17 -25.70
C GLU C 125 -11.29 19.18 -24.68
N GLN C 126 -10.98 19.38 -23.39
CA GLN C 126 -11.50 18.46 -22.38
C GLN C 126 -12.96 18.73 -22.06
N LEU C 127 -13.37 20.00 -22.16
CA LEU C 127 -14.77 20.32 -21.98
C LEU C 127 -15.65 19.76 -23.10
N THR C 128 -15.07 19.45 -24.26
CA THR C 128 -15.86 18.83 -25.34
C THR C 128 -16.34 17.44 -24.95
N SER C 129 -15.54 16.69 -24.22
CA SER C 129 -15.91 15.36 -23.78
C SER C 129 -16.63 15.37 -22.43
N GLY C 130 -17.09 16.54 -21.98
CA GLY C 130 -17.92 16.61 -20.79
C GLY C 130 -17.19 16.61 -19.46
N GLY C 131 -15.86 16.58 -19.46
CA GLY C 131 -15.11 16.63 -18.22
C GLY C 131 -14.41 17.95 -18.01
N ALA C 132 -13.98 18.23 -16.78
CA ALA C 132 -13.32 19.50 -16.48
C ALA C 132 -12.34 19.29 -15.33
N SER C 133 -11.05 19.36 -15.64
CA SER C 133 -9.98 19.21 -14.67
C SER C 133 -9.29 20.55 -14.48
N VAL C 134 -9.24 21.03 -13.24
CA VAL C 134 -8.38 22.15 -12.88
C VAL C 134 -7.11 21.60 -12.28
N VAL C 135 -5.98 22.17 -12.69
CA VAL C 135 -4.68 21.65 -12.31
C VAL C 135 -3.89 22.75 -11.61
N CYS C 136 -3.17 22.36 -10.57
CA CYS C 136 -2.30 23.24 -9.81
C CYS C 136 -0.92 22.60 -9.72
N PHE C 137 0.10 23.28 -10.23
CA PHE C 137 1.47 22.87 -9.97
C PHE C 137 2.00 23.62 -8.76
N LEU C 138 2.77 22.91 -7.92
CA LEU C 138 3.52 23.49 -6.80
C LEU C 138 4.96 23.01 -7.01
N ASN C 139 5.81 23.84 -7.58
CA ASN C 139 7.06 23.35 -8.13
C ASN C 139 8.27 23.84 -7.35
N ASN C 140 9.27 22.95 -7.23
CA ASN C 140 10.60 23.29 -6.71
C ASN C 140 10.55 23.90 -5.31
N PHE C 141 9.85 23.23 -4.39
CA PHE C 141 9.88 23.60 -2.99
C PHE C 141 10.76 22.65 -2.15
N TYR C 142 11.11 23.12 -0.96
CA TYR C 142 11.80 22.32 0.04
C TYR C 142 11.57 22.94 1.40
N PRO C 143 11.29 22.14 2.44
CA PRO C 143 11.20 20.67 2.49
C PRO C 143 9.92 20.06 1.87
N LYS C 144 9.90 18.73 1.76
CA LYS C 144 8.80 18.05 1.01
C LYS C 144 7.40 18.24 1.62
N ASP C 145 7.30 18.42 2.93
CA ASP C 145 5.97 18.54 3.51
C ASP C 145 5.26 19.75 2.93
N ILE C 146 4.01 19.57 2.52
CA ILE C 146 3.25 20.64 1.87
C ILE C 146 1.79 20.25 1.85
N ASN C 147 0.93 21.24 1.75
CA ASN C 147 -0.52 20.98 1.74
C ASN C 147 -1.19 21.88 0.71
N VAL C 148 -2.16 21.35 0.00
CA VAL C 148 -2.93 22.19 -0.96
C VAL C 148 -4.41 22.08 -0.54
N LYS C 149 -5.15 23.12 -0.84
CA LYS C 149 -6.59 23.13 -0.54
C LYS C 149 -7.26 23.74 -1.76
N TRP C 150 -8.23 23.04 -2.33
CA TRP C 150 -8.95 23.67 -3.41
C TRP C 150 -10.09 24.50 -2.84
N LYS C 151 -10.42 25.59 -3.53
CA LYS C 151 -11.63 26.33 -3.21
C LYS C 151 -12.37 26.70 -4.48
N ILE C 152 -13.70 26.71 -4.35
CA ILE C 152 -14.62 26.92 -5.45
C ILE C 152 -15.56 28.04 -5.03
N ASP C 153 -15.40 29.23 -5.62
CA ASP C 153 -16.15 30.40 -5.19
C ASP C 153 -15.99 30.63 -3.69
N GLY C 154 -14.78 30.39 -3.19
CA GLY C 154 -14.40 30.69 -1.82
C GLY C 154 -14.65 29.60 -0.79
N SER C 155 -15.26 28.47 -1.17
CA SER C 155 -15.49 27.38 -0.22
C SER C 155 -14.72 26.11 -0.62
N GLU C 156 -14.31 25.37 0.40
CA GLU C 156 -13.40 24.25 0.19
C GLU C 156 -14.09 23.11 -0.56
N ARG C 157 -13.33 22.46 -1.45
CA ARG C 157 -13.73 21.24 -2.13
C ARG C 157 -12.73 20.14 -1.82
N GLN C 158 -13.23 18.92 -1.57
CA GLN C 158 -12.37 17.76 -1.37
C GLN C 158 -12.72 16.55 -2.21
N ASN C 159 -13.94 16.44 -2.73
CA ASN C 159 -14.24 15.42 -3.71
C ASN C 159 -13.44 15.66 -4.99
N GLY C 160 -12.91 14.58 -5.58
CA GLY C 160 -12.33 14.66 -6.91
C GLY C 160 -10.95 15.28 -6.99
N VAL C 161 -10.21 15.31 -5.89
CA VAL C 161 -8.85 15.83 -5.88
C VAL C 161 -7.86 14.68 -5.87
N LEU C 162 -6.97 14.64 -6.86
CA LEU C 162 -5.87 13.68 -6.88
C LEU C 162 -4.55 14.44 -6.92
N ASN C 163 -3.59 13.96 -6.12
CA ASN C 163 -2.32 14.62 -5.86
C ASN C 163 -1.19 13.70 -6.27
N SER C 164 -0.09 14.29 -6.78
CA SER C 164 1.11 13.53 -7.12
C SER C 164 2.37 14.30 -6.73
N TRP C 165 3.38 13.58 -6.24
CA TRP C 165 4.66 14.16 -5.81
C TRP C 165 5.81 13.52 -6.56
N THR C 166 6.69 14.36 -7.11
CA THR C 166 7.90 13.89 -7.77
C THR C 166 8.88 13.33 -6.74
N ASP C 167 9.86 12.58 -7.24
CA ASP C 167 11.07 12.31 -6.48
C ASP C 167 11.89 13.59 -6.35
N GLN C 168 12.78 13.59 -5.36
CA GLN C 168 13.64 14.77 -5.13
C GLN C 168 14.43 15.05 -6.40
N ASP C 169 14.53 16.31 -6.76
CA ASP C 169 15.20 16.66 -8.01
C ASP C 169 16.71 16.42 -7.92
N SER C 170 17.29 15.94 -9.02
CA SER C 170 18.68 15.56 -8.98
C SER C 170 19.61 16.78 -8.88
N LYS C 171 19.28 17.86 -9.59
CA LYS C 171 20.17 19.04 -9.57
C LYS C 171 19.87 19.97 -8.41
N ASP C 172 18.68 20.57 -8.39
CA ASP C 172 18.37 21.57 -7.40
C ASP C 172 17.90 20.99 -6.06
N SER C 173 17.69 19.68 -5.99
CA SER C 173 17.43 19.00 -4.73
C SER C 173 16.10 19.44 -4.10
N THR C 174 15.14 19.90 -4.92
CA THR C 174 13.82 20.30 -4.43
C THR C 174 12.76 19.22 -4.72
N TYR C 175 11.52 19.52 -4.36
CA TYR C 175 10.37 18.65 -4.58
C TYR C 175 9.32 19.39 -5.38
N SER C 176 8.46 18.64 -6.06
CA SER C 176 7.34 19.24 -6.76
C SER C 176 6.09 18.38 -6.53
N MET C 177 4.93 18.99 -6.74
CA MET C 177 3.69 18.27 -6.49
C MET C 177 2.66 18.80 -7.47
N SER C 178 1.82 17.92 -7.99
CA SER C 178 0.68 18.31 -8.81
C SER C 178 -0.64 17.96 -8.11
N SER C 179 -1.61 18.87 -8.20
CA SER C 179 -2.94 18.66 -7.64
C SER C 179 -3.96 18.89 -8.75
N THR C 180 -4.79 17.89 -9.01
CA THR C 180 -5.82 17.99 -10.04
C THR C 180 -7.20 17.82 -9.42
N LEU C 181 -8.07 18.79 -9.68
CA LEU C 181 -9.46 18.78 -9.25
C LEU C 181 -10.30 18.52 -10.49
N THR C 182 -10.92 17.36 -10.56
CA THR C 182 -11.75 17.00 -11.70
C THR C 182 -13.21 16.97 -11.27
N LEU C 183 -14.06 17.52 -12.13
CA LEU C 183 -15.50 17.44 -11.93
C LEU C 183 -16.18 17.53 -13.30
N THR C 184 -17.49 17.33 -13.30
CA THR C 184 -18.23 17.33 -14.55
C THR C 184 -18.22 18.72 -15.18
N LYS C 185 -18.34 18.76 -16.50
CA LYS C 185 -18.47 20.04 -17.19
C LYS C 185 -19.66 20.81 -16.65
N ASP C 186 -20.77 20.12 -16.39
CA ASP C 186 -21.95 20.80 -15.85
C ASP C 186 -21.69 21.36 -14.47
N GLU C 187 -20.90 20.67 -13.65
CA GLU C 187 -20.57 21.20 -12.33
C GLU C 187 -19.53 22.32 -12.43
N TYR C 188 -18.71 22.32 -13.48
CA TYR C 188 -17.70 23.36 -13.65
C TYR C 188 -18.32 24.71 -14.02
N GLU C 189 -19.31 24.69 -14.90
CA GLU C 189 -19.94 25.91 -15.37
C GLU C 189 -20.95 26.48 -14.38
N ARG C 190 -21.24 25.75 -13.30
CA ARG C 190 -22.09 26.21 -12.20
C ARG C 190 -21.34 27.07 -11.19
N HIS C 191 -20.04 27.25 -11.35
CA HIS C 191 -19.28 28.13 -10.47
C HIS C 191 -18.28 28.94 -11.30
N ASN C 192 -17.73 29.98 -10.68
CA ASN C 192 -16.87 30.89 -11.46
C ASN C 192 -15.45 30.96 -10.90
N SER C 193 -15.32 31.02 -9.57
CA SER C 193 -14.01 31.24 -8.99
C SER C 193 -13.42 29.90 -8.57
N TYR C 194 -12.10 29.74 -8.78
CA TYR C 194 -11.41 28.47 -8.67
C TYR C 194 -10.02 28.77 -8.14
N THR C 195 -9.71 28.28 -6.95
CA THR C 195 -8.55 28.73 -6.20
C THR C 195 -7.68 27.55 -5.82
N CYS C 196 -6.36 27.79 -5.83
CA CYS C 196 -5.39 26.78 -5.38
C CYS C 196 -4.55 27.41 -4.27
N GLU C 197 -4.50 26.79 -3.10
CA GLU C 197 -3.79 27.31 -1.93
C GLU C 197 -2.69 26.35 -1.49
N ALA C 198 -1.46 26.83 -1.44
CA ALA C 198 -0.33 26.03 -0.99
C ALA C 198 0.06 26.47 0.41
N THR C 199 -0.02 25.56 1.37
CA THR C 199 0.50 25.80 2.72
C THR C 199 1.83 25.06 2.89
N HIS C 200 2.86 25.81 3.27
CA HIS C 200 4.22 25.29 3.28
C HIS C 200 5.00 25.99 4.38
N LYS C 201 6.06 25.36 4.88
CA LYS C 201 6.77 25.92 6.06
C LYS C 201 7.41 27.29 5.77
N THR C 202 7.66 27.60 4.50
CA THR C 202 8.40 28.81 4.19
C THR C 202 7.57 30.08 4.33
N SER C 203 6.28 29.97 4.62
CA SER C 203 5.46 31.16 4.76
C SER C 203 4.43 30.95 5.86
N THR C 204 4.18 32.01 6.61
CA THR C 204 3.09 31.98 7.57
C THR C 204 1.75 31.79 6.89
N SER C 205 1.60 32.33 5.69
CA SER C 205 0.31 32.37 5.04
C SER C 205 0.39 31.66 3.69
N PRO C 206 -0.67 30.98 3.28
CA PRO C 206 -0.59 30.16 2.07
C PRO C 206 -0.34 30.99 0.83
N ILE C 207 0.40 30.42 -0.13
CA ILE C 207 0.43 30.97 -1.48
C ILE C 207 -0.87 30.60 -2.17
N VAL C 208 -1.52 31.60 -2.74
CA VAL C 208 -2.86 31.43 -3.30
C VAL C 208 -2.80 31.74 -4.79
N LYS C 209 -3.42 30.89 -5.59
CA LYS C 209 -3.54 31.14 -7.01
C LYS C 209 -4.97 30.82 -7.40
N SER C 210 -5.50 31.64 -8.30
CA SER C 210 -6.92 31.58 -8.59
C SER C 210 -7.19 32.08 -9.99
N PHE C 211 -8.36 31.69 -10.49
CA PHE C 211 -8.80 32.14 -11.83
C PHE C 211 -10.31 32.24 -11.83
N ASN C 212 -10.84 33.11 -12.68
CA ASN C 212 -12.28 33.27 -12.83
C ASN C 212 -12.73 32.73 -14.18
N ARG C 213 -13.84 32.01 -14.18
CA ARG C 213 -14.23 31.24 -15.35
C ARG C 213 -14.69 32.15 -16.51
N ASN C 214 -15.06 33.39 -16.21
CA ASN C 214 -15.50 34.33 -17.28
C ASN C 214 -14.32 35.03 -17.94
N GLU C 215 -13.30 35.40 -17.18
CA GLU C 215 -12.14 36.16 -17.66
C GLU C 215 -10.96 35.22 -17.85
N CYS C 216 -10.91 34.57 -19.01
CA CYS C 216 -9.82 33.66 -19.39
C CYS C 216 -9.39 32.68 -18.29
N GLU D 1 31.26 -1.70 -26.87
CA GLU D 1 30.65 -1.51 -25.55
C GLU D 1 29.47 -2.47 -25.29
N VAL D 2 29.39 -2.93 -24.05
CA VAL D 2 28.38 -3.90 -23.67
C VAL D 2 27.00 -3.26 -23.74
N GLN D 3 26.02 -4.03 -24.17
CA GLN D 3 24.64 -3.56 -24.21
C GLN D 3 23.72 -4.74 -24.02
N LEU D 4 22.65 -4.55 -23.23
CA LEU D 4 21.60 -5.55 -23.04
C LEU D 4 20.25 -4.91 -23.34
N GLN D 5 19.63 -5.32 -24.44
CA GLN D 5 18.39 -4.74 -24.93
C GLN D 5 17.21 -5.59 -24.50
N GLN D 6 16.25 -4.98 -23.82
CA GLN D 6 15.07 -5.74 -23.43
C GLN D 6 13.85 -5.12 -24.11
N PRO D 7 12.80 -5.89 -24.37
CA PRO D 7 11.66 -5.34 -25.11
C PRO D 7 10.85 -4.36 -24.26
N GLY D 8 9.97 -3.63 -24.94
CA GLY D 8 9.10 -2.69 -24.28
C GLY D 8 8.06 -3.38 -23.41
N PRO D 9 7.21 -2.57 -22.78
CA PRO D 9 6.29 -3.07 -21.76
C PRO D 9 5.28 -4.08 -22.28
N GLU D 10 4.86 -4.97 -21.40
CA GLU D 10 3.89 -6.02 -21.71
C GLU D 10 2.70 -5.92 -20.76
N LEU D 11 1.48 -6.08 -21.29
CA LEU D 11 0.29 -6.22 -20.49
C LEU D 11 -0.32 -7.58 -20.78
N VAL D 12 -0.62 -8.36 -19.75
CA VAL D 12 -1.13 -9.72 -19.96
C VAL D 12 -2.27 -10.00 -18.99
N LYS D 13 -3.18 -10.89 -19.42
CA LYS D 13 -4.30 -11.31 -18.59
C LYS D 13 -3.83 -12.27 -17.51
N PRO D 14 -4.53 -12.32 -16.37
CA PRO D 14 -4.17 -13.31 -15.35
C PRO D 14 -4.36 -14.71 -15.93
N GLY D 15 -3.46 -15.63 -15.55
CA GLY D 15 -3.48 -16.99 -16.08
C GLY D 15 -2.66 -17.18 -17.34
N ALA D 16 -2.34 -16.09 -18.04
CA ALA D 16 -1.54 -16.13 -19.26
C ALA D 16 -0.06 -16.26 -18.93
N SER D 17 0.77 -16.36 -19.96
CA SER D 17 2.22 -16.39 -19.83
C SER D 17 2.81 -15.23 -20.59
N VAL D 18 4.10 -14.98 -20.34
CA VAL D 18 4.84 -13.90 -20.99
C VAL D 18 6.26 -14.41 -21.23
N LYS D 19 6.87 -14.02 -22.34
CA LYS D 19 8.26 -14.35 -22.63
C LYS D 19 9.04 -13.07 -22.87
N VAL D 20 10.09 -12.85 -22.08
CA VAL D 20 10.84 -11.60 -22.06
C VAL D 20 12.22 -11.89 -22.61
N SER D 21 12.70 -11.05 -23.51
CA SER D 21 13.99 -11.30 -24.15
C SER D 21 15.02 -10.29 -23.67
N CYS D 22 16.29 -10.63 -23.94
CA CYS D 22 17.46 -9.86 -23.52
C CYS D 22 18.55 -10.06 -24.57
N LYS D 23 18.64 -9.11 -25.52
CA LYS D 23 19.61 -9.18 -26.62
C LYS D 23 20.93 -8.58 -26.16
N ALA D 24 21.98 -9.41 -26.13
CA ALA D 24 23.35 -9.03 -25.74
C ALA D 24 24.20 -8.63 -26.95
N SER D 25 25.08 -7.65 -26.75
CA SER D 25 26.09 -7.31 -27.75
C SER D 25 27.24 -6.58 -27.07
N GLY D 26 28.33 -6.40 -27.82
CA GLY D 26 29.49 -5.70 -27.33
C GLY D 26 30.47 -6.56 -26.56
N TYR D 27 30.27 -7.86 -26.50
CA TYR D 27 31.13 -8.75 -25.74
C TYR D 27 30.83 -10.16 -26.19
N SER D 28 31.66 -11.09 -25.77
CA SER D 28 31.52 -12.48 -26.19
C SER D 28 30.42 -13.14 -25.37
N PHE D 29 29.32 -13.53 -26.04
CA PHE D 29 28.07 -13.88 -25.37
C PHE D 29 28.24 -14.99 -24.33
N THR D 30 29.03 -16.02 -24.65
CA THR D 30 29.18 -17.16 -23.74
C THR D 30 30.10 -16.86 -22.57
N ASP D 31 30.82 -15.73 -22.56
CA ASP D 31 31.73 -15.42 -21.46
C ASP D 31 31.03 -15.20 -20.12
N HIS D 32 29.74 -14.83 -20.12
CA HIS D 32 29.07 -14.39 -18.89
C HIS D 32 27.72 -15.06 -18.71
N ASN D 33 27.46 -15.52 -17.48
CA ASN D 33 26.14 -16.02 -17.15
C ASN D 33 25.16 -14.86 -17.23
N MET D 34 23.91 -15.16 -17.52
CA MET D 34 22.92 -14.11 -17.58
C MET D 34 21.97 -14.31 -16.41
N TYR D 35 21.85 -13.28 -15.55
CA TYR D 35 20.99 -13.30 -14.38
C TYR D 35 19.68 -12.55 -14.63
N TRP D 36 18.60 -13.04 -14.02
CA TRP D 36 17.29 -12.42 -14.13
C TRP D 36 16.76 -12.03 -12.75
N VAL D 37 16.17 -10.84 -12.65
CA VAL D 37 15.82 -10.22 -11.37
C VAL D 37 14.43 -9.60 -11.47
N LYS D 38 13.63 -9.76 -10.41
CA LYS D 38 12.33 -9.11 -10.28
C LYS D 38 12.45 -7.87 -9.39
N GLN D 39 11.80 -6.80 -9.83
CA GLN D 39 11.71 -5.58 -8.99
C GLN D 39 10.23 -5.18 -8.94
N SER D 40 9.57 -5.45 -7.82
CA SER D 40 8.16 -5.02 -7.65
C SER D 40 8.16 -3.67 -6.93
N HIS D 41 7.17 -2.81 -7.21
CA HIS D 41 7.22 -1.49 -6.60
C HIS D 41 7.27 -1.62 -5.08
N GLY D 42 8.19 -0.88 -4.46
CA GLY D 42 8.28 -0.87 -3.03
C GLY D 42 8.88 -2.13 -2.43
N LYS D 43 9.17 -3.12 -3.27
CA LYS D 43 9.74 -4.39 -2.76
C LYS D 43 11.22 -4.45 -3.11
N SER D 44 11.99 -5.22 -2.35
CA SER D 44 13.39 -5.38 -2.69
C SER D 44 13.50 -6.15 -4.01
N LEU D 45 14.71 -6.19 -4.56
CA LEU D 45 14.94 -7.04 -5.71
C LEU D 45 14.96 -8.51 -5.33
N GLU D 46 14.54 -9.36 -6.27
CA GLU D 46 14.60 -10.81 -6.14
C GLU D 46 15.35 -11.44 -7.31
N TRP D 47 16.33 -12.28 -6.99
CA TRP D 47 17.01 -13.08 -7.99
C TRP D 47 16.11 -14.24 -8.39
N ILE D 48 15.79 -14.33 -9.68
CA ILE D 48 14.92 -15.38 -10.17
C ILE D 48 15.70 -16.63 -10.53
N GLY D 49 16.80 -16.45 -11.24
CA GLY D 49 17.61 -17.56 -11.71
C GLY D 49 18.67 -17.02 -12.66
N SER D 50 19.45 -17.97 -13.19
CA SER D 50 20.55 -17.59 -14.08
C SER D 50 20.71 -18.65 -15.20
N ILE D 51 21.27 -18.25 -16.32
CA ILE D 51 21.56 -19.24 -17.41
C ILE D 51 23.00 -19.02 -17.89
N ASP D 52 23.74 -20.10 -18.07
CA ASP D 52 25.12 -20.01 -18.61
C ASP D 52 24.99 -20.23 -20.12
N PRO D 53 25.17 -19.21 -20.97
CA PRO D 53 25.10 -19.46 -22.43
C PRO D 53 26.11 -20.47 -22.92
N TYR D 54 27.25 -20.63 -22.24
CA TYR D 54 28.27 -21.58 -22.70
C TYR D 54 27.70 -22.99 -22.81
N ASN D 55 26.99 -23.47 -21.78
CA ASN D 55 26.55 -24.87 -21.78
C ASN D 55 25.05 -25.02 -21.66
N GLY D 56 24.31 -23.92 -21.52
CA GLY D 56 22.86 -23.95 -21.42
C GLY D 56 22.34 -24.26 -20.03
N GLY D 57 23.24 -24.55 -19.07
CA GLY D 57 22.79 -24.89 -17.74
C GLY D 57 22.05 -23.74 -17.08
N THR D 58 21.08 -24.08 -16.23
CA THR D 58 20.27 -23.08 -15.56
C THR D 58 20.22 -23.36 -14.07
N ARG D 59 20.12 -22.30 -13.27
CA ARG D 59 19.81 -22.40 -11.84
C ARG D 59 18.61 -21.49 -11.56
N TYR D 60 17.76 -21.92 -10.62
CA TYR D 60 16.53 -21.21 -10.31
C TYR D 60 16.43 -20.97 -8.83
N ASN D 61 15.91 -19.78 -8.47
CA ASN D 61 15.42 -19.58 -7.11
C ASN D 61 14.29 -20.57 -6.89
N GLN D 62 14.32 -21.32 -5.80
CA GLN D 62 13.25 -22.34 -5.62
C GLN D 62 11.86 -21.66 -5.62
N LYS D 63 11.75 -20.40 -5.16
CA LYS D 63 10.45 -19.72 -5.22
C LYS D 63 9.91 -19.59 -6.63
N PHE D 64 10.77 -19.53 -7.64
CA PHE D 64 10.33 -19.37 -9.01
C PHE D 64 10.42 -20.65 -9.83
N ARG D 65 10.76 -21.76 -9.19
CA ARG D 65 10.87 -23.02 -9.92
C ARG D 65 9.50 -23.41 -10.47
N GLY D 66 9.48 -23.80 -11.74
CA GLY D 66 8.23 -24.15 -12.39
C GLY D 66 7.38 -22.96 -12.80
N LYS D 67 7.74 -21.75 -12.37
CA LYS D 67 7.13 -20.55 -12.89
C LYS D 67 7.96 -19.88 -13.98
N ALA D 68 9.28 -19.90 -13.84
CA ALA D 68 10.19 -19.28 -14.80
C ALA D 68 10.92 -20.36 -15.56
N THR D 69 11.12 -20.14 -16.86
CA THR D 69 11.96 -20.99 -17.71
C THR D 69 12.95 -20.12 -18.48
N LEU D 70 14.23 -20.34 -18.25
CA LEU D 70 15.28 -19.56 -18.89
C LEU D 70 15.84 -20.34 -20.08
N THR D 71 15.93 -19.69 -21.23
CA THR D 71 16.56 -20.28 -22.40
C THR D 71 17.52 -19.25 -22.98
N VAL D 72 18.43 -19.70 -23.83
CA VAL D 72 19.23 -18.78 -24.63
C VAL D 72 19.17 -19.25 -26.08
N ASP D 73 19.40 -18.31 -27.00
CA ASP D 73 19.68 -18.61 -28.41
C ASP D 73 21.08 -18.06 -28.70
N LYS D 74 22.08 -18.95 -28.74
CA LYS D 74 23.46 -18.48 -28.92
C LYS D 74 23.64 -17.80 -30.26
N SER D 75 22.98 -18.31 -31.31
CA SER D 75 23.22 -17.78 -32.65
C SER D 75 22.79 -16.33 -32.78
N SER D 76 21.87 -15.88 -31.94
CA SER D 76 21.40 -14.50 -31.96
C SER D 76 21.74 -13.74 -30.67
N GLY D 77 22.57 -14.30 -29.79
CA GLY D 77 23.01 -13.58 -28.61
C GLY D 77 21.90 -13.18 -27.66
N THR D 78 20.82 -13.95 -27.58
CA THR D 78 19.61 -13.53 -26.87
C THR D 78 19.23 -14.51 -25.77
N ALA D 79 18.93 -13.99 -24.59
CA ALA D 79 18.41 -14.80 -23.50
C ALA D 79 16.93 -14.51 -23.28
N PHE D 80 16.20 -15.52 -22.83
CA PHE D 80 14.75 -15.41 -22.69
C PHE D 80 14.33 -15.87 -21.31
N MET D 81 13.31 -15.19 -20.76
CA MET D 81 12.60 -15.60 -19.56
C MET D 81 11.11 -15.74 -19.83
N HIS D 82 10.63 -16.97 -19.82
CA HIS D 82 9.20 -17.29 -19.84
C HIS D 82 8.70 -17.40 -18.40
N LEU D 83 7.56 -16.75 -18.11
CA LEU D 83 6.88 -16.86 -16.83
C LEU D 83 5.44 -17.31 -17.08
N ASN D 84 4.95 -18.32 -16.36
CA ASN D 84 3.59 -18.81 -16.60
C ASN D 84 2.66 -18.52 -15.42
N SER D 85 1.38 -18.84 -15.59
CA SER D 85 0.35 -18.71 -14.55
C SER D 85 0.35 -17.33 -13.89
N LEU D 86 0.37 -16.28 -14.71
CA LEU D 86 0.61 -14.96 -14.13
C LEU D 86 -0.60 -14.48 -13.34
N THR D 87 -0.32 -13.72 -12.28
CA THR D 87 -1.30 -13.03 -11.44
C THR D 87 -0.75 -11.63 -11.17
N SER D 88 -1.56 -10.82 -10.47
CA SER D 88 -1.12 -9.45 -10.18
C SER D 88 0.14 -9.42 -9.31
N GLU D 89 0.40 -10.47 -8.53
CA GLU D 89 1.64 -10.51 -7.77
C GLU D 89 2.85 -10.50 -8.70
N ASP D 90 2.68 -10.88 -9.96
CA ASP D 90 3.78 -10.93 -10.91
C ASP D 90 4.03 -9.63 -11.65
N SER D 91 3.14 -8.63 -11.51
CA SER D 91 3.38 -7.33 -12.12
C SER D 91 4.61 -6.68 -11.50
N ALA D 92 5.58 -6.33 -12.34
CA ALA D 92 6.90 -5.94 -11.87
C ALA D 92 7.74 -5.54 -13.08
N VAL D 93 8.93 -5.01 -12.81
CA VAL D 93 9.97 -4.81 -13.82
C VAL D 93 10.92 -6.01 -13.73
N TYR D 94 11.15 -6.67 -14.88
CA TYR D 94 12.03 -7.84 -14.96
C TYR D 94 13.31 -7.45 -15.70
N TYR D 95 14.43 -7.56 -15.01
CA TYR D 95 15.75 -7.20 -15.50
C TYR D 95 16.56 -8.44 -15.85
N CYS D 96 17.31 -8.38 -16.95
CA CYS D 96 18.45 -9.25 -17.16
C CYS D 96 19.73 -8.46 -16.90
N TYR D 97 20.77 -9.14 -16.43
CA TYR D 97 22.04 -8.48 -16.22
C TYR D 97 23.18 -9.49 -16.16
N ILE D 98 24.41 -8.97 -16.31
CA ILE D 98 25.63 -9.76 -16.27
C ILE D 98 26.63 -8.98 -15.42
N GLY D 99 27.69 -9.67 -14.97
CA GLY D 99 28.74 -8.95 -14.26
C GLY D 99 29.93 -9.83 -13.90
N SER D 100 30.98 -9.17 -13.44
CA SER D 100 32.20 -9.85 -13.01
C SER D 100 32.94 -8.91 -12.06
N PHE D 101 34.21 -9.24 -11.78
CA PHE D 101 35.05 -8.33 -10.99
C PHE D 101 35.24 -7.00 -11.69
N TYR D 102 35.13 -6.97 -13.01
CA TYR D 102 35.54 -5.82 -13.81
C TYR D 102 34.41 -4.85 -14.13
N PHE D 103 33.16 -5.32 -14.22
CA PHE D 103 32.03 -4.47 -14.56
C PHE D 103 30.74 -5.21 -14.24
N VAL D 104 29.65 -4.46 -14.20
CA VAL D 104 28.31 -5.00 -14.07
C VAL D 104 27.43 -4.20 -15.02
N TYR D 105 26.58 -4.90 -15.76
CA TYR D 105 25.67 -4.21 -16.68
C TYR D 105 24.28 -4.81 -16.58
N TRP D 106 23.30 -3.94 -16.39
CA TRP D 106 21.90 -4.31 -16.28
C TRP D 106 21.14 -3.84 -17.51
N GLY D 107 20.25 -4.68 -18.01
CA GLY D 107 19.27 -4.22 -18.97
C GLY D 107 18.39 -3.13 -18.37
N GLN D 108 17.62 -2.49 -19.25
CA GLN D 108 16.76 -1.38 -18.84
C GLN D 108 15.48 -1.85 -18.17
N GLY D 109 15.21 -3.15 -18.18
CA GLY D 109 14.07 -3.81 -17.57
C GLY D 109 12.87 -3.81 -18.48
N THR D 110 12.01 -4.81 -18.30
CA THR D 110 10.74 -4.90 -19.00
C THR D 110 9.62 -4.89 -17.97
N LEU D 111 8.78 -3.85 -18.01
CA LEU D 111 7.62 -3.75 -17.13
C LEU D 111 6.51 -4.67 -17.64
N VAL D 112 6.09 -5.61 -16.79
CA VAL D 112 4.99 -6.51 -17.07
C VAL D 112 3.84 -6.18 -16.13
N THR D 113 2.69 -5.84 -16.69
CA THR D 113 1.47 -5.62 -15.93
C THR D 113 0.55 -6.81 -16.17
N VAL D 114 0.10 -7.46 -15.10
CA VAL D 114 -0.88 -8.54 -15.18
C VAL D 114 -2.21 -7.98 -14.69
N SER D 115 -3.17 -7.86 -15.59
CA SER D 115 -4.45 -7.25 -15.24
C SER D 115 -5.50 -7.68 -16.24
N SER D 116 -6.76 -7.66 -15.77
CA SER D 116 -7.92 -7.85 -16.62
C SER D 116 -8.37 -6.55 -17.29
N ALA D 117 -7.90 -5.40 -16.80
CA ALA D 117 -8.39 -4.12 -17.33
C ALA D 117 -7.87 -3.90 -18.74
N LYS D 118 -8.72 -3.32 -19.60
CA LYS D 118 -8.37 -3.17 -21.00
C LYS D 118 -7.42 -2.00 -21.21
N THR D 119 -6.66 -2.09 -22.29
CA THR D 119 -5.85 -0.98 -22.74
C THR D 119 -6.73 0.23 -23.03
N THR D 120 -6.29 1.41 -22.60
CA THR D 120 -7.03 2.62 -22.94
C THR D 120 -6.03 3.72 -23.28
N PRO D 121 -6.13 4.31 -24.47
CA PRO D 121 -5.24 5.42 -24.82
C PRO D 121 -5.51 6.64 -23.94
N PRO D 122 -4.49 7.41 -23.61
CA PRO D 122 -4.71 8.67 -22.90
C PRO D 122 -5.39 9.75 -23.74
N SER D 123 -6.20 10.57 -23.09
CA SER D 123 -6.53 11.87 -23.66
C SER D 123 -5.49 12.87 -23.20
N VAL D 124 -5.02 13.70 -24.13
CA VAL D 124 -3.91 14.62 -23.89
C VAL D 124 -4.42 16.04 -24.07
N TYR D 125 -4.33 16.80 -22.98
CA TYR D 125 -4.92 18.16 -22.97
C TYR D 125 -3.87 19.19 -22.66
N PRO D 126 -3.96 20.37 -23.29
CA PRO D 126 -3.01 21.44 -23.05
C PRO D 126 -3.29 22.18 -21.77
N LEU D 127 -2.23 22.50 -21.03
CA LEU D 127 -2.37 23.32 -19.79
C LEU D 127 -1.78 24.71 -20.07
N ALA D 128 -2.61 25.64 -20.50
CA ALA D 128 -2.19 26.99 -20.80
C ALA D 128 -2.71 27.93 -19.72
N PRO D 129 -1.90 28.88 -19.29
CA PRO D 129 -2.37 29.80 -18.24
C PRO D 129 -3.55 30.60 -18.75
N GLY D 130 -4.49 30.90 -17.84
CA GLY D 130 -5.42 31.95 -18.12
C GLY D 130 -4.68 33.27 -18.25
N SER D 131 -5.24 34.18 -19.04
CA SER D 131 -4.48 35.36 -19.41
C SER D 131 -4.33 36.32 -18.23
N ALA D 132 -4.65 35.84 -17.02
CA ALA D 132 -4.68 36.70 -15.85
C ALA D 132 -3.29 37.20 -15.44
N ALA D 133 -2.33 36.29 -15.27
CA ALA D 133 -1.04 36.61 -14.64
C ALA D 133 0.14 36.19 -15.53
N GLN D 134 0.58 37.10 -16.41
CA GLN D 134 1.61 36.78 -17.40
C GLN D 134 2.59 37.94 -17.64
N THR D 135 3.07 38.59 -16.57
CA THR D 135 4.18 39.54 -16.71
C THR D 135 5.43 39.11 -15.94
N ASN D 136 5.44 37.89 -15.41
CA ASN D 136 6.61 37.29 -14.79
C ASN D 136 7.67 36.90 -15.82
N SER D 137 8.94 36.87 -15.38
CA SER D 137 10.05 36.53 -16.28
C SER D 137 9.97 35.11 -16.79
N MET D 138 9.48 34.17 -15.98
CA MET D 138 9.30 32.78 -16.37
C MET D 138 7.81 32.47 -16.50
N VAL D 139 7.48 31.52 -17.37
CA VAL D 139 6.10 31.07 -17.52
C VAL D 139 6.07 29.55 -17.42
N THR D 140 5.02 29.02 -16.79
CA THR D 140 4.85 27.58 -16.62
C THR D 140 3.66 27.10 -17.43
N LEU D 141 3.90 26.09 -18.26
CA LEU D 141 2.88 25.46 -19.08
C LEU D 141 2.84 23.99 -18.71
N GLY D 142 1.84 23.27 -19.20
CA GLY D 142 1.79 21.86 -18.89
C GLY D 142 0.94 21.04 -19.85
N CYS D 143 1.00 19.72 -19.64
CA CYS D 143 0.16 18.74 -20.32
C CYS D 143 -0.48 17.84 -19.28
N LEU D 144 -1.75 17.52 -19.49
CA LEU D 144 -2.48 16.56 -18.67
C LEU D 144 -2.74 15.32 -19.52
N VAL D 145 -2.18 14.20 -19.08
CA VAL D 145 -2.31 12.90 -19.76
C VAL D 145 -3.25 12.07 -18.89
N LYS D 146 -4.52 12.01 -19.28
CA LYS D 146 -5.57 11.53 -18.41
C LYS D 146 -6.19 10.24 -18.94
N GLY D 147 -6.48 9.31 -18.02
CA GLY D 147 -7.36 8.20 -18.31
C GLY D 147 -6.80 7.10 -19.20
N TYR D 148 -5.61 6.59 -18.88
CA TYR D 148 -4.97 5.61 -19.74
C TYR D 148 -4.67 4.33 -18.98
N PHE D 149 -4.43 3.25 -19.74
CA PHE D 149 -4.04 1.99 -19.15
C PHE D 149 -3.38 1.14 -20.23
N PRO D 150 -2.33 0.39 -19.91
CA PRO D 150 -1.55 0.38 -18.66
C PRO D 150 -0.45 1.45 -18.62
N GLU D 151 0.31 1.50 -17.54
CA GLU D 151 1.60 2.19 -17.52
C GLU D 151 2.56 1.50 -18.48
N PRO D 152 3.53 2.22 -19.05
CA PRO D 152 3.87 3.63 -18.87
C PRO D 152 3.45 4.52 -20.02
N VAL D 153 3.71 5.79 -19.82
CA VAL D 153 3.70 6.78 -20.89
C VAL D 153 5.01 7.55 -20.76
N THR D 154 5.52 8.02 -21.89
CA THR D 154 6.66 8.92 -21.89
C THR D 154 6.19 10.29 -22.37
N VAL D 155 6.65 11.34 -21.68
CA VAL D 155 6.32 12.71 -22.01
C VAL D 155 7.62 13.44 -22.28
N THR D 156 7.69 14.14 -23.41
CA THR D 156 8.82 14.98 -23.73
C THR D 156 8.29 16.33 -24.16
N TRP D 157 9.14 17.34 -24.09
CA TRP D 157 8.77 18.68 -24.52
C TRP D 157 9.69 19.10 -25.67
N ASN D 158 9.07 19.53 -26.77
CA ASN D 158 9.76 19.88 -28.01
C ASN D 158 10.69 18.75 -28.45
N SER D 159 10.16 17.53 -28.40
CA SER D 159 10.85 16.33 -28.87
C SER D 159 12.19 16.14 -28.16
N GLY D 160 12.22 16.49 -26.87
CA GLY D 160 13.40 16.31 -26.05
C GLY D 160 14.36 17.46 -26.03
N SER D 161 14.15 18.50 -26.84
CA SER D 161 15.00 19.68 -26.74
C SER D 161 14.82 20.38 -25.39
N LEU D 162 13.61 20.31 -24.82
CA LEU D 162 13.27 20.98 -23.57
C LEU D 162 13.38 19.98 -22.43
N SER D 163 14.48 20.07 -21.67
CA SER D 163 14.79 19.08 -20.65
C SER D 163 14.77 19.67 -19.25
N SER D 164 15.58 20.69 -18.99
CA SER D 164 15.52 21.37 -17.70
C SER D 164 14.23 22.16 -17.60
N GLY D 165 13.73 22.28 -16.36
CA GLY D 165 12.46 22.93 -16.13
C GLY D 165 11.26 22.03 -16.33
N VAL D 166 11.48 20.76 -16.67
CA VAL D 166 10.40 19.80 -16.85
C VAL D 166 10.20 19.08 -15.52
N HIS D 167 8.93 18.97 -15.10
CA HIS D 167 8.53 18.08 -14.02
C HIS D 167 7.42 17.21 -14.58
N THR D 168 7.66 15.92 -14.70
CA THR D 168 6.62 14.98 -15.12
C THR D 168 6.24 14.17 -13.87
N PHE D 169 5.00 14.36 -13.40
CA PHE D 169 4.59 13.78 -12.12
C PHE D 169 4.23 12.29 -12.27
N PRO D 170 4.41 11.51 -11.21
CA PRO D 170 3.98 10.11 -11.25
C PRO D 170 2.49 10.01 -11.51
N ALA D 171 2.09 9.02 -12.29
CA ALA D 171 0.67 8.83 -12.56
C ALA D 171 -0.05 8.40 -11.29
N VAL D 172 -1.33 8.72 -11.23
CA VAL D 172 -2.21 8.26 -10.17
C VAL D 172 -3.23 7.31 -10.75
N LEU D 173 -3.54 6.24 -10.02
CA LEU D 173 -4.45 5.21 -10.48
C LEU D 173 -5.81 5.39 -9.84
N GLN D 174 -6.85 5.39 -10.68
CA GLN D 174 -8.20 5.46 -10.15
C GLN D 174 -9.14 4.85 -11.17
N SER D 175 -10.08 4.03 -10.68
CA SER D 175 -11.11 3.42 -11.54
C SER D 175 -10.49 2.72 -12.74
N ASP D 176 -9.40 1.99 -12.49
CA ASP D 176 -8.64 1.28 -13.51
C ASP D 176 -8.06 2.19 -14.59
N LEU D 177 -7.87 3.48 -14.31
CA LEU D 177 -7.19 4.38 -15.24
C LEU D 177 -6.17 5.22 -14.50
N TYR D 178 -5.04 5.43 -15.18
CA TYR D 178 -3.92 6.27 -14.77
C TYR D 178 -4.11 7.67 -15.32
N THR D 179 -3.58 8.66 -14.61
CA THR D 179 -3.52 10.03 -15.07
C THR D 179 -2.22 10.62 -14.58
N LEU D 180 -1.49 11.32 -15.47
CA LEU D 180 -0.36 12.13 -15.01
C LEU D 180 -0.42 13.50 -15.66
N SER D 181 0.42 14.40 -15.15
CA SER D 181 0.64 15.71 -15.75
C SER D 181 2.14 15.95 -15.86
N SER D 182 2.51 16.84 -16.78
CA SER D 182 3.88 17.32 -16.96
C SER D 182 3.83 18.84 -16.96
N SER D 183 4.73 19.48 -16.24
CA SER D 183 4.86 20.93 -16.34
C SER D 183 6.18 21.27 -17.02
N VAL D 184 6.22 22.43 -17.68
CA VAL D 184 7.46 22.93 -18.25
C VAL D 184 7.51 24.43 -18.01
N THR D 185 8.69 24.93 -17.71
CA THR D 185 8.90 26.33 -17.39
C THR D 185 9.86 26.92 -18.41
N VAL D 186 9.46 28.00 -19.06
CA VAL D 186 10.26 28.61 -20.12
C VAL D 186 10.26 30.12 -19.91
N PRO D 187 11.27 30.83 -20.42
CA PRO D 187 11.28 32.28 -20.32
C PRO D 187 10.05 32.89 -20.98
N SER D 188 9.53 33.95 -20.37
CA SER D 188 8.24 34.50 -20.76
C SER D 188 8.21 34.98 -22.21
N SER D 189 9.35 35.43 -22.74
CA SER D 189 9.38 35.89 -24.13
C SER D 189 9.61 34.77 -25.13
N THR D 190 9.89 33.55 -24.67
CA THR D 190 9.84 32.39 -25.57
C THR D 190 8.40 32.02 -25.92
N TRP D 191 7.45 32.33 -25.05
CA TRP D 191 6.07 31.89 -25.25
C TRP D 191 5.12 33.08 -25.13
N PRO D 192 4.13 33.20 -26.01
CA PRO D 192 3.83 32.34 -27.16
C PRO D 192 4.66 32.69 -28.37
N SER D 193 5.76 33.42 -28.20
CA SER D 193 6.56 33.86 -29.34
C SER D 193 7.10 32.66 -30.11
N GLU D 194 7.33 31.55 -29.44
CA GLU D 194 7.78 30.33 -30.10
C GLU D 194 6.84 29.20 -29.73
N THR D 195 7.13 28.02 -30.29
CA THR D 195 6.30 26.84 -30.12
C THR D 195 6.71 26.01 -28.91
N VAL D 196 5.73 25.60 -28.13
CA VAL D 196 5.96 24.66 -27.04
C VAL D 196 4.97 23.51 -27.21
N THR D 197 5.50 22.32 -27.43
CA THR D 197 4.67 21.15 -27.69
C THR D 197 5.14 20.01 -26.79
N CYS D 198 4.20 19.38 -26.09
CA CYS D 198 4.51 18.17 -25.36
C CYS D 198 4.13 16.96 -26.20
N ASN D 199 4.95 15.92 -26.09
CA ASN D 199 4.83 14.71 -26.89
C ASN D 199 4.56 13.56 -25.93
N VAL D 200 3.41 12.91 -26.07
CA VAL D 200 3.03 11.79 -25.24
C VAL D 200 3.02 10.52 -26.06
N ALA D 201 3.66 9.48 -25.55
CA ALA D 201 3.65 8.16 -26.15
C ALA D 201 3.03 7.19 -25.16
N HIS D 202 2.16 6.32 -25.65
CA HIS D 202 1.55 5.26 -24.84
C HIS D 202 1.72 3.97 -25.62
N PRO D 203 2.86 3.29 -25.43
CA PRO D 203 3.18 2.16 -26.33
C PRO D 203 2.12 1.07 -26.37
N ALA D 204 1.49 0.78 -25.23
CA ALA D 204 0.55 -0.34 -25.19
C ALA D 204 -0.64 -0.13 -26.12
N SER D 205 -1.02 1.13 -26.34
CA SER D 205 -2.12 1.46 -27.23
C SER D 205 -1.63 2.04 -28.55
N SER D 206 -0.32 2.00 -28.81
CA SER D 206 0.28 2.54 -30.02
C SER D 206 -0.14 3.99 -30.24
N THR D 207 -0.13 4.76 -29.17
CA THR D 207 -0.53 6.15 -29.19
C THR D 207 0.71 7.04 -29.14
N LYS D 208 0.79 7.99 -30.06
CA LYS D 208 1.77 9.08 -29.97
C LYS D 208 1.05 10.35 -30.37
N VAL D 209 0.96 11.28 -29.42
CA VAL D 209 0.28 12.56 -29.62
C VAL D 209 1.26 13.66 -29.28
N ASP D 210 1.27 14.70 -30.09
CA ASP D 210 1.90 15.96 -29.76
C ASP D 210 0.80 17.00 -29.58
N LYS D 211 1.02 17.93 -28.66
CA LYS D 211 0.00 18.92 -28.32
C LYS D 211 0.70 20.25 -28.15
N LYS D 212 0.51 21.16 -29.11
CA LYS D 212 1.00 22.52 -28.94
C LYS D 212 0.16 23.27 -27.91
N ILE D 213 0.83 23.95 -26.99
CA ILE D 213 0.14 24.78 -26.01
C ILE D 213 -0.07 26.15 -26.65
N VAL D 214 -1.30 26.65 -26.62
CA VAL D 214 -1.62 27.93 -27.23
C VAL D 214 -2.37 28.81 -26.23
N PRO D 215 -2.27 30.14 -26.34
CA PRO D 215 -3.00 31.01 -25.41
C PRO D 215 -4.51 30.84 -25.53
N ARG D 216 -5.19 30.95 -24.40
CA ARG D 216 -6.65 30.91 -24.34
C ARG D 216 -7.24 32.25 -24.77
N ASP D 217 -8.42 32.22 -25.38
CA ASP D 217 -9.10 33.43 -25.84
C ASP D 217 -10.25 33.77 -24.91
N CYS D 218 -10.21 34.97 -24.32
CA CYS D 218 -11.35 35.49 -23.57
C CYS D 218 -12.55 35.69 -24.50
#